data_2H6I
#
_entry.id   2H6I
#
_cell.length_a   178.126
_cell.length_b   178.126
_cell.length_c   64.904
_cell.angle_alpha   90
_cell.angle_beta   90
_cell.angle_gamma   120
#
_symmetry.space_group_name_H-M   'P 61'
#
loop_
_entity.id
_entity.type
_entity.pdbx_description
1 polymer 'Protein farnesyltransferase/geranylgeranyltransferase type I alpha subunit'
2 polymer 'Protein farnesyltransferase beta subunit'
3 polymer 'farnesylated peptide'
4 branched beta-D-fructofuranose-(2-1)-alpha-D-glucopyranose
5 non-polymer 'ZINC ION'
6 non-polymer 'GERAN-8-YL GERAN'
7 water water
#
loop_
_entity_poly.entity_id
_entity_poly.type
_entity_poly.pdbx_seq_one_letter_code
_entity_poly.pdbx_strand_id
1 'polypeptide(L)'
;MAATEGVGEAAQGGEPGQPAQPPPQPHPPPPQQQHKEEMAAEAGEAVASPMDDGFVSLDSPSYVLYRDRAEWADIDPVPQ
NDGPNPVVQIIYSDKFRDVYDYFRAVLQRDERSERAFKLTRDAIELNAANYTVWHFRRVLLKSLQKDLHEEMNYITAIIE
EQPKNYQVWHHRRVLVEWLRDPSQELEFIADILNQDAKNYHAWQHRQWVIQEFKLWDNELQYVDQLLKEDVRNNSVWNQR
YFVISNTTGYNDRAVLEREVQYTLEMIKLVPHNESAWNYLKGILQDRGLSKYPNLLNQLLDLQPSHSSPYLIAFLVDIYE
DMLENQCDNKEDILNKALELCEILAKEKDTIRKEYWRYIGRSLQSKHSTENDSPTNVQQEEF
;
A
2 'polypeptide(L)'
;MASPSSFTYYCPPSSSPVWSEPLYSLRPEHARERLQDDSVETVTSIEQAKVEEKIQEVFSSYKFNHLVPRLVLQREKHFH
YLKRGLRQLTDAYECLDASRPTLCYWILHSLELLDEPIPQIVATDVCQFLELCQSPEGGFGGGPGQYPHLAPTYAAVNAL
CIIGTEEAYDIINREKLLQYLYSLKQPDGSFLMHVGGEVDVRSAYCAASVASLTNIITPDLFEGTAEWIARCQNWEGGIG
GVPGMEAHGGYTFCGLAALVILKRERSLNLKSLLQWVTSRQMRFEGGFQGRCNKLVDGCYSFWQAGLLPLLHRALHAQGD
PALSMSHWMFHQQALQEYILMCCQCPAGGLLDKPGKSRDFYHTCFCLSGLSIAQHFGSGAMLHDVVLGVPENALQPTHPV
YNIGPDKVIQATTYFLQKPVPGFEELKDETSAEPATD
;
B
3 'polypeptide(L)' DDPTASACVLS P
#
# COMPACT_ATOMS: atom_id res chain seq x y z
N PHE A 55 -37.10 4.49 -0.52
CA PHE A 55 -38.24 5.16 -1.22
C PHE A 55 -37.81 5.78 -2.55
N VAL A 56 -37.22 6.96 -2.48
CA VAL A 56 -36.80 7.64 -3.69
C VAL A 56 -35.29 7.87 -3.63
N SER A 57 -34.62 7.55 -4.74
CA SER A 57 -33.19 7.71 -4.85
C SER A 57 -32.74 9.10 -5.23
N LEU A 58 -31.45 9.37 -5.01
CA LEU A 58 -30.85 10.66 -5.31
C LEU A 58 -30.94 11.00 -6.77
N ASP A 59 -31.11 9.98 -7.62
CA ASP A 59 -31.20 10.25 -9.05
C ASP A 59 -32.60 10.11 -9.62
N SER A 60 -33.53 9.63 -8.79
CA SER A 60 -34.91 9.52 -9.27
C SER A 60 -35.48 10.89 -9.68
N PRO A 61 -36.39 10.88 -10.67
CA PRO A 61 -36.96 12.15 -11.13
C PRO A 61 -37.77 12.84 -10.04
N SER A 62 -38.34 12.04 -9.12
CA SER A 62 -39.15 12.61 -8.06
C SER A 62 -38.42 12.90 -6.77
N TYR A 63 -37.10 12.83 -6.78
CA TYR A 63 -36.32 13.12 -5.59
C TYR A 63 -36.54 14.58 -5.12
N VAL A 64 -36.60 14.77 -3.80
CA VAL A 64 -36.81 16.09 -3.23
C VAL A 64 -35.79 16.37 -2.13
N LEU A 65 -35.10 17.51 -2.24
CA LEU A 65 -34.10 17.90 -1.25
C LEU A 65 -34.73 17.81 0.13
N TYR A 66 -33.92 17.53 1.14
CA TYR A 66 -34.43 17.41 2.49
C TYR A 66 -34.96 18.71 3.05
N ARG A 67 -34.36 19.82 2.63
CA ARG A 67 -34.78 21.11 3.13
C ARG A 67 -36.21 21.44 2.67
N ASP A 68 -36.69 20.71 1.66
CA ASP A 68 -38.03 20.92 1.13
C ASP A 68 -39.01 19.86 1.58
N ARG A 69 -38.56 18.92 2.40
CA ARG A 69 -39.45 17.85 2.84
C ARG A 69 -40.25 18.18 4.11
N ALA A 70 -41.57 18.17 3.97
CA ALA A 70 -42.43 18.47 5.09
C ALA A 70 -42.09 17.63 6.31
N GLU A 71 -41.93 16.32 6.12
CA GLU A 71 -41.64 15.41 7.24
C GLU A 71 -40.30 15.71 7.94
N TRP A 72 -39.53 16.65 7.40
CA TRP A 72 -38.24 17.02 7.99
C TRP A 72 -38.23 18.46 8.49
N ALA A 73 -39.32 19.17 8.24
CA ALA A 73 -39.44 20.56 8.65
C ALA A 73 -39.11 20.85 10.14
N ASP A 74 -39.53 19.93 11.01
CA ASP A 74 -39.35 20.08 12.45
C ASP A 74 -37.93 20.06 12.97
N ILE A 75 -36.98 19.82 12.08
CA ILE A 75 -35.58 19.78 12.52
C ILE A 75 -34.69 20.69 11.68
N ASP A 76 -33.92 21.52 12.36
CA ASP A 76 -33.05 22.45 11.68
C ASP A 76 -31.79 21.79 11.22
N PRO A 77 -31.39 22.05 9.96
CA PRO A 77 -30.18 21.48 9.38
C PRO A 77 -28.95 22.14 10.03
N VAL A 78 -27.90 21.33 10.22
CA VAL A 78 -26.64 21.75 10.83
C VAL A 78 -25.55 21.86 9.75
N PRO A 79 -25.20 23.09 9.36
CA PRO A 79 -24.16 23.32 8.35
C PRO A 79 -22.82 22.86 8.87
N GLN A 80 -21.93 22.50 7.97
CA GLN A 80 -20.59 22.05 8.33
C GLN A 80 -19.74 23.29 8.62
N ASN A 81 -19.04 23.30 9.75
CA ASN A 81 -18.23 24.45 10.11
C ASN A 81 -16.76 24.35 9.70
N ASP A 82 -16.45 24.82 8.50
CA ASP A 82 -15.10 24.76 7.98
C ASP A 82 -14.26 25.92 8.39
N GLY A 83 -14.83 26.83 9.17
CA GLY A 83 -14.08 28.01 9.56
C GLY A 83 -14.14 29.17 8.56
N PRO A 84 -13.66 30.36 8.93
CA PRO A 84 -13.69 31.53 8.05
C PRO A 84 -12.77 31.49 6.83
N ASN A 85 -11.63 30.82 6.96
CA ASN A 85 -10.66 30.71 5.85
C ASN A 85 -10.37 29.25 5.57
N PRO A 86 -11.30 28.58 4.87
CA PRO A 86 -11.24 27.15 4.50
C PRO A 86 -10.04 26.67 3.64
N VAL A 87 -9.61 25.44 3.93
CA VAL A 87 -8.50 24.81 3.23
C VAL A 87 -9.10 23.51 2.73
N VAL A 88 -8.61 23.02 1.59
CA VAL A 88 -9.12 21.79 0.98
C VAL A 88 -10.65 21.75 1.00
N GLN A 89 -11.23 22.91 0.70
CA GLN A 89 -12.67 23.08 0.68
C GLN A 89 -13.29 22.58 -0.61
N ILE A 90 -14.12 21.55 -0.47
CA ILE A 90 -14.80 20.92 -1.59
C ILE A 90 -16.07 21.70 -1.98
N ILE A 91 -16.21 21.98 -3.28
CA ILE A 91 -17.38 22.71 -3.74
C ILE A 91 -18.47 21.70 -4.01
N TYR A 92 -19.12 21.33 -2.91
CA TYR A 92 -20.19 20.36 -2.95
C TYR A 92 -21.33 20.79 -3.86
N SER A 93 -22.07 19.80 -4.34
CA SER A 93 -23.24 20.00 -5.19
C SER A 93 -24.35 20.34 -4.20
N ASP A 94 -25.43 20.95 -4.68
CA ASP A 94 -26.50 21.35 -3.78
C ASP A 94 -27.08 20.13 -3.08
N LYS A 95 -27.23 19.06 -3.85
CA LYS A 95 -27.79 17.82 -3.32
C LYS A 95 -26.96 17.19 -2.20
N PHE A 96 -25.65 17.17 -2.43
CA PHE A 96 -24.69 16.61 -1.50
C PHE A 96 -24.78 17.34 -0.16
N ARG A 97 -24.61 18.67 -0.21
CA ARG A 97 -24.64 19.48 0.99
C ARG A 97 -25.95 19.34 1.74
N ASP A 98 -27.03 19.30 0.97
CA ASP A 98 -28.38 19.16 1.52
C ASP A 98 -28.45 17.95 2.46
N VAL A 99 -28.08 16.78 1.94
CA VAL A 99 -28.11 15.56 2.72
C VAL A 99 -27.16 15.60 3.90
N TYR A 100 -25.98 16.17 3.71
CA TYR A 100 -25.06 16.19 4.83
C TYR A 100 -25.43 17.17 5.90
N ASP A 101 -26.09 18.26 5.52
CA ASP A 101 -26.50 19.22 6.52
C ASP A 101 -27.52 18.54 7.43
N TYR A 102 -28.39 17.74 6.84
CA TYR A 102 -29.38 17.00 7.64
C TYR A 102 -28.76 15.82 8.40
N PHE A 103 -27.76 15.15 7.81
CA PHE A 103 -27.12 14.05 8.52
C PHE A 103 -26.54 14.69 9.78
N ARG A 104 -25.80 15.76 9.61
CA ARG A 104 -25.21 16.41 10.74
C ARG A 104 -26.19 16.66 11.86
N ALA A 105 -27.40 17.03 11.48
CA ALA A 105 -28.46 17.31 12.44
C ALA A 105 -28.88 16.07 13.21
N VAL A 106 -29.27 15.01 12.51
CA VAL A 106 -29.70 13.81 13.20
C VAL A 106 -28.60 13.24 14.09
N LEU A 107 -27.36 13.32 13.62
CA LEU A 107 -26.24 12.79 14.39
C LEU A 107 -26.07 13.61 15.67
N GLN A 108 -26.06 14.93 15.51
CA GLN A 108 -25.90 15.79 16.66
C GLN A 108 -26.95 15.51 17.72
N ARG A 109 -28.17 15.22 17.29
CA ARG A 109 -29.27 14.98 18.21
C ARG A 109 -29.40 13.51 18.57
N ASP A 110 -28.62 12.67 17.91
CA ASP A 110 -28.62 11.23 18.15
C ASP A 110 -30.04 10.68 17.96
N GLU A 111 -30.69 11.11 16.89
CA GLU A 111 -32.05 10.72 16.59
C GLU A 111 -32.14 9.33 16.00
N ARG A 112 -32.52 8.37 16.83
CA ARG A 112 -32.65 6.99 16.37
C ARG A 112 -34.00 6.84 15.72
N SER A 113 -34.13 7.32 14.49
CA SER A 113 -35.41 7.24 13.81
C SER A 113 -35.38 6.56 12.45
N GLU A 114 -36.55 6.17 11.98
CA GLU A 114 -36.70 5.53 10.67
C GLU A 114 -36.35 6.56 9.60
N ARG A 115 -36.68 7.83 9.83
CA ARG A 115 -36.35 8.86 8.84
C ARG A 115 -34.83 9.03 8.73
N ALA A 116 -34.15 9.08 9.87
CA ALA A 116 -32.70 9.20 9.88
C ALA A 116 -32.12 7.97 9.14
N PHE A 117 -32.59 6.76 9.47
CA PHE A 117 -32.10 5.54 8.83
C PHE A 117 -32.17 5.63 7.29
N LYS A 118 -33.29 6.14 6.77
CA LYS A 118 -33.46 6.27 5.33
C LYS A 118 -32.47 7.32 4.81
N LEU A 119 -32.18 8.31 5.65
CA LEU A 119 -31.25 9.38 5.27
C LEU A 119 -29.84 8.86 5.03
N THR A 120 -29.37 8.01 5.93
CA THR A 120 -28.02 7.45 5.80
C THR A 120 -27.88 6.77 4.42
N ARG A 121 -28.94 6.13 3.94
CA ARG A 121 -28.86 5.50 2.64
C ARG A 121 -28.47 6.54 1.61
N ASP A 122 -28.99 7.75 1.71
CA ASP A 122 -28.65 8.77 0.69
C ASP A 122 -27.26 9.31 0.91
N ALA A 123 -26.86 9.45 2.18
CA ALA A 123 -25.53 9.96 2.50
C ALA A 123 -24.47 8.99 1.95
N ILE A 124 -24.74 7.70 2.12
CA ILE A 124 -23.85 6.65 1.62
C ILE A 124 -23.73 6.67 0.09
N GLU A 125 -24.83 6.88 -0.62
CA GLU A 125 -24.77 6.91 -2.07
C GLU A 125 -23.94 8.13 -2.52
N LEU A 126 -23.99 9.21 -1.75
CA LEU A 126 -23.26 10.42 -2.07
C LEU A 126 -21.77 10.18 -1.85
N ASN A 127 -21.44 9.52 -0.76
CA ASN A 127 -20.03 9.20 -0.44
C ASN A 127 -19.95 7.94 0.42
N ALA A 128 -19.80 6.80 -0.24
CA ALA A 128 -19.76 5.51 0.47
C ALA A 128 -18.53 5.32 1.35
N ALA A 129 -17.59 6.25 1.25
CA ALA A 129 -16.37 6.18 2.05
C ALA A 129 -16.48 6.90 3.39
N ASN A 130 -17.64 7.48 3.65
CA ASN A 130 -17.85 8.19 4.90
C ASN A 130 -18.16 7.16 5.98
N TYR A 131 -17.14 6.80 6.74
CA TYR A 131 -17.29 5.81 7.80
C TYR A 131 -18.21 6.23 8.95
N THR A 132 -18.31 7.54 9.18
CA THR A 132 -19.15 8.02 10.25
C THR A 132 -20.61 7.67 10.01
N VAL A 133 -21.05 7.83 8.76
CA VAL A 133 -22.43 7.53 8.37
C VAL A 133 -22.69 6.03 8.61
N TRP A 134 -21.78 5.22 8.09
CA TRP A 134 -21.90 3.80 8.23
C TRP A 134 -22.08 3.41 9.70
N HIS A 135 -21.23 3.96 10.57
CA HIS A 135 -21.30 3.66 12.00
C HIS A 135 -22.66 4.01 12.60
N PHE A 136 -23.15 5.18 12.23
CA PHE A 136 -24.42 5.59 12.73
C PHE A 136 -25.50 4.65 12.18
N ARG A 137 -25.38 4.27 10.90
CA ARG A 137 -26.38 3.38 10.29
C ARG A 137 -26.51 2.08 11.10
N ARG A 138 -25.39 1.51 11.49
CA ARG A 138 -25.43 0.27 12.24
C ARG A 138 -26.08 0.51 13.61
N VAL A 139 -25.85 1.68 14.18
CA VAL A 139 -26.45 1.98 15.49
C VAL A 139 -27.97 1.90 15.32
N LEU A 140 -28.47 2.44 14.21
CA LEU A 140 -29.92 2.48 13.90
C LEU A 140 -30.46 1.10 13.62
N LEU A 141 -29.70 0.29 12.89
CA LEU A 141 -30.12 -1.06 12.58
C LEU A 141 -30.52 -1.78 13.90
N LYS A 142 -29.72 -1.56 14.94
CA LYS A 142 -29.96 -2.18 16.24
C LYS A 142 -31.12 -1.51 16.97
N SER A 143 -30.99 -0.21 17.22
CA SER A 143 -32.02 0.55 17.91
C SER A 143 -33.40 0.33 17.29
N LEU A 144 -33.48 0.29 15.98
CA LEU A 144 -34.78 0.09 15.33
C LEU A 144 -35.11 -1.37 15.10
N GLN A 145 -34.17 -2.28 15.39
CA GLN A 145 -34.40 -3.71 15.20
C GLN A 145 -34.75 -4.04 13.73
N LYS A 146 -34.04 -3.42 12.80
CA LYS A 146 -34.30 -3.64 11.37
C LYS A 146 -33.99 -5.08 10.92
N ASP A 147 -34.65 -5.51 9.85
CA ASP A 147 -34.45 -6.85 9.29
C ASP A 147 -33.06 -6.95 8.67
N LEU A 148 -32.16 -7.66 9.36
CA LEU A 148 -30.80 -7.81 8.88
C LEU A 148 -30.67 -8.51 7.52
N HIS A 149 -31.61 -9.37 7.17
CA HIS A 149 -31.57 -10.05 5.86
C HIS A 149 -31.87 -9.04 4.77
N GLU A 150 -32.69 -8.07 5.12
CA GLU A 150 -33.03 -7.01 4.20
C GLU A 150 -31.74 -6.20 4.00
N GLU A 151 -31.04 -5.93 5.12
CA GLU A 151 -29.80 -5.14 5.08
C GLU A 151 -28.71 -5.86 4.27
N MET A 152 -28.71 -7.19 4.32
CA MET A 152 -27.72 -7.97 3.58
C MET A 152 -27.92 -7.77 2.08
N ASN A 153 -29.18 -7.68 1.68
CA ASN A 153 -29.51 -7.49 0.28
C ASN A 153 -29.00 -6.11 -0.12
N TYR A 154 -29.17 -5.15 0.78
CA TYR A 154 -28.72 -3.79 0.55
C TYR A 154 -27.21 -3.78 0.32
N ILE A 155 -26.49 -4.26 1.33
CA ILE A 155 -25.04 -4.25 1.24
C ILE A 155 -24.58 -4.99 -0.01
N THR A 156 -25.26 -6.07 -0.36
CA THR A 156 -24.91 -6.84 -1.54
C THR A 156 -24.91 -5.94 -2.78
N ALA A 157 -25.92 -5.08 -2.88
CA ALA A 157 -26.04 -4.19 -4.02
C ALA A 157 -24.96 -3.14 -3.93
N ILE A 158 -24.78 -2.60 -2.74
CA ILE A 158 -23.78 -1.56 -2.56
C ILE A 158 -22.41 -2.05 -2.97
N ILE A 159 -22.03 -3.22 -2.47
CA ILE A 159 -20.72 -3.77 -2.80
C ILE A 159 -20.53 -3.98 -4.28
N GLU A 160 -21.59 -4.40 -4.97
CA GLU A 160 -21.55 -4.62 -6.41
C GLU A 160 -21.22 -3.31 -7.14
N GLU A 161 -21.73 -2.21 -6.62
CA GLU A 161 -21.47 -0.93 -7.24
C GLU A 161 -20.09 -0.42 -6.92
N GLN A 162 -19.66 -0.57 -5.68
CA GLN A 162 -18.34 -0.11 -5.23
C GLN A 162 -17.60 -1.21 -4.46
N PRO A 163 -17.02 -2.16 -5.19
CA PRO A 163 -16.28 -3.29 -4.63
C PRO A 163 -14.89 -3.03 -4.03
N LYS A 164 -14.38 -1.82 -4.12
CA LYS A 164 -13.06 -1.53 -3.60
C LYS A 164 -13.07 -0.55 -2.44
N ASN A 165 -14.18 -0.54 -1.74
CA ASN A 165 -14.38 0.36 -0.62
C ASN A 165 -14.22 -0.40 0.69
N TYR A 166 -13.47 0.14 1.65
CA TYR A 166 -13.27 -0.55 2.93
C TYR A 166 -14.51 -0.66 3.78
N GLN A 167 -15.26 0.43 3.90
CA GLN A 167 -16.46 0.42 4.73
C GLN A 167 -17.52 -0.59 4.34
N VAL A 168 -17.81 -0.70 3.04
CA VAL A 168 -18.87 -1.62 2.63
C VAL A 168 -18.57 -3.04 3.02
N TRP A 169 -17.32 -3.47 2.83
CA TRP A 169 -17.00 -4.83 3.19
C TRP A 169 -17.07 -5.02 4.70
N HIS A 170 -16.60 -4.05 5.46
CA HIS A 170 -16.63 -4.19 6.90
C HIS A 170 -18.06 -4.30 7.37
N HIS A 171 -18.93 -3.54 6.71
CA HIS A 171 -20.35 -3.54 7.06
C HIS A 171 -20.92 -4.98 6.87
N ARG A 172 -20.64 -5.57 5.71
CA ARG A 172 -21.11 -6.90 5.42
C ARG A 172 -20.54 -7.92 6.37
N ARG A 173 -19.33 -7.71 6.87
CA ARG A 173 -18.77 -8.65 7.81
C ARG A 173 -19.51 -8.55 9.15
N VAL A 174 -19.84 -7.32 9.56
CA VAL A 174 -20.58 -7.11 10.80
C VAL A 174 -21.94 -7.81 10.70
N LEU A 175 -22.63 -7.64 9.57
CA LEU A 175 -23.94 -8.26 9.34
C LEU A 175 -23.89 -9.79 9.45
N VAL A 176 -22.86 -10.38 8.86
CA VAL A 176 -22.64 -11.84 8.90
C VAL A 176 -22.29 -12.29 10.34
N GLU A 177 -21.63 -11.44 11.10
CA GLU A 177 -21.31 -11.76 12.47
C GLU A 177 -22.59 -11.75 13.30
N TRP A 178 -23.36 -10.68 13.18
CA TRP A 178 -24.64 -10.57 13.88
C TRP A 178 -25.57 -11.74 13.58
N LEU A 179 -25.74 -12.09 12.32
CA LEU A 179 -26.64 -13.20 11.94
C LEU A 179 -26.00 -14.56 12.06
N ARG A 180 -24.68 -14.60 12.28
CA ARG A 180 -23.97 -15.86 12.33
C ARG A 180 -24.43 -16.75 11.14
N ASP A 181 -24.70 -16.11 9.99
CA ASP A 181 -25.15 -16.78 8.79
C ASP A 181 -24.26 -16.49 7.56
N PRO A 182 -23.40 -17.45 7.19
CA PRO A 182 -22.51 -17.26 6.05
C PRO A 182 -23.02 -17.86 4.74
N SER A 183 -24.17 -18.51 4.81
CA SER A 183 -24.75 -19.19 3.67
C SER A 183 -24.68 -18.48 2.30
N GLN A 184 -24.66 -17.14 2.29
CA GLN A 184 -24.60 -16.43 1.02
C GLN A 184 -23.21 -15.97 0.63
N GLU A 185 -22.27 -16.02 1.59
CA GLU A 185 -20.91 -15.53 1.36
C GLU A 185 -20.07 -15.99 0.15
N LEU A 186 -19.78 -17.29 0.09
CA LEU A 186 -18.96 -17.81 -0.99
C LEU A 186 -19.50 -17.52 -2.40
N GLU A 187 -20.82 -17.64 -2.56
CA GLU A 187 -21.44 -17.38 -3.84
C GLU A 187 -21.30 -15.91 -4.20
N PHE A 188 -21.61 -15.05 -3.23
CA PHE A 188 -21.52 -13.60 -3.44
C PHE A 188 -20.11 -13.20 -3.83
N ILE A 189 -19.15 -13.60 -2.99
CA ILE A 189 -17.76 -13.26 -3.23
C ILE A 189 -17.31 -13.71 -4.62
N ALA A 190 -17.71 -14.93 -4.98
CA ALA A 190 -17.35 -15.50 -6.27
C ALA A 190 -17.85 -14.61 -7.39
N ASP A 191 -18.98 -13.95 -7.16
CA ASP A 191 -19.50 -13.07 -8.19
C ASP A 191 -18.64 -11.82 -8.32
N ILE A 192 -18.18 -11.31 -7.17
CA ILE A 192 -17.36 -10.13 -7.18
C ILE A 192 -16.08 -10.46 -7.90
N LEU A 193 -15.51 -11.61 -7.54
CA LEU A 193 -14.27 -12.06 -8.12
C LEU A 193 -14.40 -12.38 -9.59
N ASN A 194 -15.63 -12.61 -10.03
CA ASN A 194 -15.87 -12.92 -11.44
C ASN A 194 -15.72 -11.65 -12.26
N GLN A 195 -15.90 -10.51 -11.59
CA GLN A 195 -15.76 -9.22 -12.26
C GLN A 195 -14.31 -8.68 -12.12
N ASP A 196 -13.66 -9.00 -11.01
CA ASP A 196 -12.27 -8.59 -10.75
C ASP A 196 -11.66 -9.71 -9.91
N ALA A 197 -11.05 -10.66 -10.61
CA ALA A 197 -10.43 -11.82 -9.97
C ALA A 197 -9.42 -11.51 -8.89
N LYS A 198 -8.93 -10.27 -8.83
CA LYS A 198 -7.92 -9.94 -7.85
C LYS A 198 -8.34 -8.89 -6.82
N ASN A 199 -9.64 -8.68 -6.67
CA ASN A 199 -10.12 -7.72 -5.70
C ASN A 199 -9.67 -8.13 -4.30
N TYR A 200 -8.74 -7.36 -3.74
CA TYR A 200 -8.16 -7.64 -2.42
C TYR A 200 -9.21 -7.73 -1.32
N HIS A 201 -10.10 -6.76 -1.24
CA HIS A 201 -11.11 -6.79 -0.18
C HIS A 201 -11.94 -8.05 -0.29
N ALA A 202 -12.17 -8.50 -1.52
CA ALA A 202 -12.97 -9.68 -1.77
C ALA A 202 -12.29 -10.90 -1.20
N TRP A 203 -11.01 -11.07 -1.52
CA TRP A 203 -10.26 -12.21 -1.04
C TRP A 203 -10.10 -12.21 0.46
N GLN A 204 -9.93 -11.03 1.03
CA GLN A 204 -9.78 -10.94 2.47
C GLN A 204 -11.06 -11.36 3.15
N HIS A 205 -12.17 -10.89 2.64
CA HIS A 205 -13.44 -11.24 3.21
C HIS A 205 -13.66 -12.74 3.11
N ARG A 206 -13.31 -13.31 1.96
CA ARG A 206 -13.48 -14.75 1.74
C ARG A 206 -12.66 -15.52 2.76
N GLN A 207 -11.41 -15.12 2.98
CA GLN A 207 -10.60 -15.84 3.96
C GLN A 207 -11.26 -15.76 5.33
N TRP A 208 -11.80 -14.60 5.69
CA TRP A 208 -12.42 -14.50 6.99
C TRP A 208 -13.58 -15.47 7.14
N VAL A 209 -14.47 -15.47 6.16
CA VAL A 209 -15.65 -16.33 6.20
C VAL A 209 -15.28 -17.80 6.33
N ILE A 210 -14.38 -18.25 5.47
CA ILE A 210 -13.92 -19.65 5.46
C ILE A 210 -13.35 -20.03 6.83
N GLN A 211 -12.41 -19.22 7.33
CA GLN A 211 -11.80 -19.54 8.60
C GLN A 211 -12.79 -19.45 9.75
N GLU A 212 -13.58 -18.38 9.83
CA GLU A 212 -14.55 -18.21 10.92
C GLU A 212 -15.68 -19.27 10.97
N PHE A 213 -16.20 -19.62 9.81
CA PHE A 213 -17.26 -20.60 9.76
C PHE A 213 -16.81 -21.99 9.26
N LYS A 214 -15.49 -22.18 9.15
CA LYS A 214 -14.91 -23.47 8.73
C LYS A 214 -15.48 -24.03 7.43
N LEU A 215 -15.50 -23.21 6.38
CA LEU A 215 -16.01 -23.66 5.10
C LEU A 215 -14.86 -24.03 4.13
N TRP A 216 -14.00 -24.96 4.56
CA TRP A 216 -12.85 -25.33 3.72
C TRP A 216 -13.14 -26.33 2.60
N ASP A 217 -14.12 -27.19 2.83
CA ASP A 217 -14.49 -28.26 1.90
C ASP A 217 -14.38 -28.07 0.39
N ASN A 218 -14.72 -26.91 -0.13
CA ASN A 218 -14.66 -26.80 -1.57
C ASN A 218 -13.71 -25.74 -2.10
N GLU A 219 -12.95 -25.11 -1.21
CA GLU A 219 -12.08 -24.05 -1.65
C GLU A 219 -10.94 -24.47 -2.58
N LEU A 220 -10.35 -25.64 -2.33
CA LEU A 220 -9.25 -26.07 -3.21
C LEU A 220 -9.74 -26.22 -4.65
N GLN A 221 -11.00 -26.60 -4.80
CA GLN A 221 -11.59 -26.79 -6.12
C GLN A 221 -11.75 -25.41 -6.75
N TYR A 222 -12.21 -24.48 -5.93
CA TYR A 222 -12.39 -23.12 -6.41
C TYR A 222 -11.04 -22.62 -6.93
N VAL A 223 -10.01 -22.83 -6.11
CA VAL A 223 -8.66 -22.42 -6.45
C VAL A 223 -8.23 -22.96 -7.81
N ASP A 224 -8.44 -24.26 -8.04
CA ASP A 224 -8.04 -24.84 -9.32
C ASP A 224 -8.79 -24.20 -10.48
N GLN A 225 -10.07 -23.96 -10.27
CA GLN A 225 -10.95 -23.36 -11.27
C GLN A 225 -10.37 -22.05 -11.79
N LEU A 226 -10.08 -21.17 -10.84
CA LEU A 226 -9.52 -19.85 -11.13
C LEU A 226 -8.12 -19.93 -11.73
N LEU A 227 -7.28 -20.85 -11.22
CA LEU A 227 -5.93 -21.00 -11.74
C LEU A 227 -5.99 -21.46 -13.20
N LYS A 228 -7.05 -22.18 -13.57
CA LYS A 228 -7.24 -22.63 -14.96
C LYS A 228 -7.61 -21.40 -15.81
N GLU A 229 -8.45 -20.53 -15.26
CA GLU A 229 -8.86 -19.33 -15.95
C GLU A 229 -7.68 -18.40 -16.19
N ASP A 230 -6.91 -18.13 -15.14
CA ASP A 230 -5.71 -17.29 -15.23
C ASP A 230 -4.67 -17.82 -14.24
N VAL A 231 -3.70 -18.58 -14.75
CA VAL A 231 -2.67 -19.15 -13.89
C VAL A 231 -1.67 -18.07 -13.45
N ARG A 232 -1.90 -16.83 -13.88
CA ARG A 232 -0.99 -15.77 -13.48
C ARG A 232 -1.59 -15.01 -12.31
N ASN A 233 -2.76 -15.48 -11.87
CA ASN A 233 -3.44 -14.82 -10.76
C ASN A 233 -2.79 -15.07 -9.42
N ASN A 234 -1.86 -14.20 -9.04
CA ASN A 234 -1.16 -14.34 -7.77
C ASN A 234 -2.11 -14.42 -6.56
N SER A 235 -3.27 -13.78 -6.60
CA SER A 235 -4.20 -13.81 -5.46
C SER A 235 -4.72 -15.20 -5.26
N VAL A 236 -4.71 -15.99 -6.34
CA VAL A 236 -5.19 -17.35 -6.32
C VAL A 236 -4.12 -18.31 -5.80
N TRP A 237 -2.87 -18.07 -6.15
CA TRP A 237 -1.82 -18.92 -5.63
C TRP A 237 -1.78 -18.73 -4.13
N ASN A 238 -2.00 -17.48 -3.67
CA ASN A 238 -2.01 -17.18 -2.24
C ASN A 238 -3.13 -17.97 -1.53
N GLN A 239 -4.32 -17.90 -2.10
CA GLN A 239 -5.46 -18.59 -1.55
C GLN A 239 -5.13 -20.06 -1.47
N ARG A 240 -4.35 -20.57 -2.43
CA ARG A 240 -3.98 -21.99 -2.41
C ARG A 240 -3.18 -22.30 -1.15
N TYR A 241 -2.16 -21.48 -0.88
CA TYR A 241 -1.36 -21.68 0.31
C TYR A 241 -2.24 -21.55 1.55
N PHE A 242 -3.19 -20.63 1.47
CA PHE A 242 -4.10 -20.42 2.57
C PHE A 242 -4.90 -21.66 2.89
N VAL A 243 -5.47 -22.26 1.85
CA VAL A 243 -6.29 -23.44 2.03
C VAL A 243 -5.48 -24.65 2.48
N ILE A 244 -4.34 -24.93 1.83
CA ILE A 244 -3.54 -26.08 2.23
C ILE A 244 -2.95 -25.97 3.65
N SER A 245 -2.20 -24.89 3.91
CA SER A 245 -1.61 -24.71 5.23
C SER A 245 -2.63 -24.81 6.37
N ASN A 246 -3.89 -24.52 6.09
CA ASN A 246 -4.91 -24.57 7.11
C ASN A 246 -5.69 -25.87 7.19
N THR A 247 -5.48 -26.75 6.21
CA THR A 247 -6.20 -28.02 6.19
C THR A 247 -5.29 -29.21 6.44
N THR A 248 -4.61 -29.67 5.41
CA THR A 248 -3.69 -30.79 5.55
C THR A 248 -2.34 -30.32 6.07
N GLY A 249 -1.97 -29.08 5.76
CA GLY A 249 -0.69 -28.57 6.17
C GLY A 249 0.27 -29.05 5.11
N TYR A 250 1.52 -28.60 5.14
CA TYR A 250 2.49 -29.03 4.13
C TYR A 250 3.48 -30.05 4.67
N ASN A 251 3.33 -30.44 5.94
CA ASN A 251 4.23 -31.43 6.55
C ASN A 251 3.97 -32.85 6.01
N ASP A 252 2.74 -33.13 5.59
CA ASP A 252 2.44 -34.42 5.02
C ASP A 252 3.30 -34.45 3.76
N ARG A 253 4.29 -35.34 3.70
CA ARG A 253 5.15 -35.37 2.50
C ARG A 253 4.43 -35.71 1.18
N ALA A 254 3.27 -36.35 1.27
CA ALA A 254 2.48 -36.70 0.09
C ALA A 254 1.84 -35.42 -0.45
N VAL A 255 1.43 -34.55 0.47
CA VAL A 255 0.82 -33.30 0.08
C VAL A 255 1.88 -32.41 -0.52
N LEU A 256 3.05 -32.38 0.10
CA LEU A 256 4.11 -31.54 -0.40
C LEU A 256 4.47 -31.93 -1.83
N GLU A 257 4.64 -33.24 -2.07
CA GLU A 257 5.01 -33.75 -3.40
C GLU A 257 3.96 -33.41 -4.46
N ARG A 258 2.68 -33.56 -4.09
CA ARG A 258 1.59 -33.24 -5.01
C ARG A 258 1.71 -31.79 -5.45
N GLU A 259 1.97 -30.93 -4.47
CA GLU A 259 2.10 -29.52 -4.70
C GLU A 259 3.33 -29.18 -5.53
N VAL A 260 4.45 -29.81 -5.20
CA VAL A 260 5.68 -29.56 -5.95
C VAL A 260 5.50 -29.98 -7.42
N GLN A 261 4.79 -31.08 -7.62
CA GLN A 261 4.54 -31.59 -8.94
C GLN A 261 3.67 -30.63 -9.71
N TYR A 262 2.55 -30.30 -9.09
CA TYR A 262 1.60 -29.40 -9.71
C TYR A 262 2.28 -28.11 -10.16
N THR A 263 3.04 -27.51 -9.26
CA THR A 263 3.71 -26.26 -9.57
C THR A 263 4.76 -26.39 -10.67
N LEU A 264 5.47 -27.49 -10.69
CA LEU A 264 6.49 -27.69 -11.71
C LEU A 264 5.77 -27.81 -13.05
N GLU A 265 4.64 -28.49 -13.03
CA GLU A 265 3.86 -28.66 -14.25
C GLU A 265 3.37 -27.32 -14.79
N MET A 266 3.00 -26.42 -13.89
CA MET A 266 2.52 -25.10 -14.31
C MET A 266 3.71 -24.27 -14.85
N ILE A 267 4.89 -24.45 -14.23
CA ILE A 267 6.09 -23.74 -14.64
C ILE A 267 6.46 -24.15 -16.05
N LYS A 268 6.32 -25.43 -16.36
CA LYS A 268 6.66 -25.92 -17.70
C LYS A 268 5.70 -25.35 -18.74
N LEU A 269 4.43 -25.21 -18.36
CA LEU A 269 3.41 -24.67 -19.25
C LEU A 269 3.60 -23.18 -19.53
N VAL A 270 4.00 -22.43 -18.51
CA VAL A 270 4.21 -20.98 -18.63
C VAL A 270 5.46 -20.58 -17.81
N PRO A 271 6.66 -20.87 -18.36
CA PRO A 271 7.98 -20.61 -17.78
C PRO A 271 8.28 -19.21 -17.23
N HIS A 272 7.60 -18.19 -17.74
CA HIS A 272 7.87 -16.83 -17.25
C HIS A 272 6.79 -16.30 -16.32
N ASN A 273 5.97 -17.21 -15.78
CA ASN A 273 4.91 -16.84 -14.85
C ASN A 273 5.55 -16.84 -13.46
N GLU A 274 5.92 -15.66 -12.96
CA GLU A 274 6.55 -15.56 -11.67
C GLU A 274 5.74 -16.12 -10.52
N SER A 275 4.42 -16.11 -10.61
CA SER A 275 3.65 -16.62 -9.49
C SER A 275 4.03 -18.06 -9.11
N ALA A 276 3.99 -18.96 -10.08
CA ALA A 276 4.31 -20.35 -9.84
C ALA A 276 5.69 -20.48 -9.19
N TRP A 277 6.68 -19.80 -9.73
CA TRP A 277 8.00 -19.86 -9.17
C TRP A 277 7.99 -19.40 -7.73
N ASN A 278 7.27 -18.32 -7.41
CA ASN A 278 7.26 -17.85 -6.03
C ASN A 278 6.57 -18.84 -5.10
N TYR A 279 5.59 -19.55 -5.62
CA TYR A 279 4.88 -20.52 -4.80
C TYR A 279 5.78 -21.73 -4.55
N LEU A 280 6.57 -22.08 -5.56
CA LEU A 280 7.46 -23.21 -5.41
C LEU A 280 8.44 -22.88 -4.29
N LYS A 281 9.11 -21.73 -4.39
CA LYS A 281 10.05 -21.36 -3.37
C LYS A 281 9.33 -21.14 -2.06
N GLY A 282 8.07 -20.74 -2.10
CA GLY A 282 7.39 -20.48 -0.84
C GLY A 282 7.11 -21.69 0.00
N ILE A 283 6.77 -22.80 -0.64
CA ILE A 283 6.42 -24.00 0.11
C ILE A 283 7.62 -24.81 0.49
N LEU A 284 8.80 -24.41 0.05
CA LEU A 284 9.98 -25.20 0.38
C LEU A 284 11.03 -24.46 1.19
N GLN A 285 10.90 -23.14 1.24
CA GLN A 285 11.86 -22.27 1.93
C GLN A 285 12.10 -22.48 3.42
N ASP A 286 11.03 -22.67 4.17
CA ASP A 286 11.18 -22.82 5.60
C ASP A 286 12.07 -24.01 5.95
N ARG A 287 11.80 -25.14 5.33
CA ARG A 287 12.60 -26.32 5.59
C ARG A 287 14.01 -26.16 5.06
N GLY A 288 14.14 -25.42 3.98
CA GLY A 288 15.45 -25.17 3.41
C GLY A 288 15.48 -25.68 2.00
N LEU A 289 15.76 -24.79 1.03
CA LEU A 289 15.81 -25.21 -0.37
C LEU A 289 16.81 -26.33 -0.62
N SER A 290 17.94 -26.31 0.11
CA SER A 290 18.98 -27.32 -0.02
C SER A 290 18.56 -28.71 0.46
N LYS A 291 17.40 -28.81 1.08
CA LYS A 291 16.92 -30.08 1.60
C LYS A 291 16.31 -30.94 0.52
N TYR A 292 16.06 -30.34 -0.63
CA TYR A 292 15.46 -31.08 -1.75
C TYR A 292 16.42 -31.20 -2.92
N PRO A 293 17.39 -32.13 -2.82
CA PRO A 293 18.42 -32.41 -3.82
C PRO A 293 17.98 -32.74 -5.22
N ASN A 294 16.83 -33.40 -5.38
CA ASN A 294 16.36 -33.73 -6.73
C ASN A 294 15.91 -32.49 -7.47
N LEU A 295 15.33 -31.55 -6.73
CA LEU A 295 14.85 -30.34 -7.33
C LEU A 295 16.00 -29.63 -8.07
N LEU A 296 17.16 -29.49 -7.43
CA LEU A 296 18.31 -28.82 -8.05
C LEU A 296 18.68 -29.44 -9.39
N ASN A 297 18.66 -30.77 -9.42
CA ASN A 297 19.00 -31.53 -10.62
C ASN A 297 17.98 -31.23 -11.69
N GLN A 298 16.71 -31.39 -11.36
CA GLN A 298 15.69 -31.12 -12.34
C GLN A 298 15.84 -29.76 -12.99
N LEU A 299 16.01 -28.72 -12.17
CA LEU A 299 16.16 -27.34 -12.65
C LEU A 299 17.41 -27.18 -13.50
N LEU A 300 18.52 -27.78 -13.07
CA LEU A 300 19.74 -27.68 -13.85
C LEU A 300 19.55 -28.27 -15.24
N ASP A 301 18.68 -29.27 -15.34
CA ASP A 301 18.39 -29.92 -16.61
C ASP A 301 17.56 -29.02 -17.51
N LEU A 302 16.70 -28.22 -16.91
CA LEU A 302 15.85 -27.33 -17.66
C LEU A 302 16.53 -26.03 -18.05
N GLN A 303 17.56 -25.64 -17.28
CA GLN A 303 18.28 -24.38 -17.53
C GLN A 303 18.74 -24.10 -18.97
N PRO A 304 19.47 -25.05 -19.58
CA PRO A 304 19.93 -24.83 -20.96
C PRO A 304 18.80 -24.47 -21.92
N SER A 305 17.59 -24.94 -21.64
CA SER A 305 16.45 -24.65 -22.49
C SER A 305 15.51 -23.56 -21.93
N HIS A 306 15.57 -23.31 -20.63
CA HIS A 306 14.72 -22.30 -19.99
C HIS A 306 15.52 -21.45 -18.99
N SER A 307 16.61 -20.84 -19.46
CA SER A 307 17.45 -20.02 -18.60
C SER A 307 16.81 -18.66 -18.30
N SER A 308 15.58 -18.69 -17.76
CA SER A 308 14.88 -17.45 -17.41
C SER A 308 15.51 -16.89 -16.13
N PRO A 309 15.24 -15.61 -15.83
CA PRO A 309 15.83 -15.06 -14.60
C PRO A 309 15.28 -15.79 -13.36
N TYR A 310 14.05 -16.29 -13.48
CA TYR A 310 13.38 -16.98 -12.40
C TYR A 310 14.14 -18.26 -12.01
N LEU A 311 14.51 -19.04 -13.03
CA LEU A 311 15.24 -20.28 -12.81
C LEU A 311 16.62 -19.97 -12.26
N ILE A 312 17.37 -19.14 -12.95
CA ILE A 312 18.71 -18.78 -12.49
C ILE A 312 18.69 -18.31 -11.03
N ALA A 313 17.67 -17.49 -10.69
CA ALA A 313 17.49 -16.93 -9.33
C ALA A 313 17.21 -18.04 -8.31
N PHE A 314 16.36 -18.99 -8.70
CA PHE A 314 16.01 -20.11 -7.86
C PHE A 314 17.29 -20.88 -7.58
N LEU A 315 18.13 -21.05 -8.60
CA LEU A 315 19.38 -21.77 -8.43
C LEU A 315 20.27 -21.09 -7.39
N VAL A 316 20.35 -19.76 -7.45
CA VAL A 316 21.20 -19.06 -6.48
C VAL A 316 20.58 -19.28 -5.11
N ASP A 317 19.26 -19.24 -5.06
CA ASP A 317 18.57 -19.44 -3.78
C ASP A 317 18.94 -20.79 -3.20
N ILE A 318 19.01 -21.81 -4.06
CA ILE A 318 19.37 -23.14 -3.58
C ILE A 318 20.82 -23.11 -3.11
N TYR A 319 21.72 -22.64 -3.95
CA TYR A 319 23.11 -22.60 -3.53
C TYR A 319 23.25 -21.91 -2.21
N GLU A 320 22.50 -20.82 -2.01
CA GLU A 320 22.60 -20.06 -0.77
C GLU A 320 22.39 -20.94 0.42
N ASP A 321 21.29 -21.69 0.37
CA ASP A 321 20.89 -22.57 1.45
C ASP A 321 21.84 -23.74 1.67
N MET A 322 22.44 -24.19 0.56
CA MET A 322 23.40 -25.29 0.60
C MET A 322 24.64 -24.85 1.38
N LEU A 323 25.16 -23.68 1.01
CA LEU A 323 26.33 -23.12 1.64
C LEU A 323 26.10 -22.85 3.13
N GLU A 324 24.82 -22.63 3.48
CA GLU A 324 24.42 -22.35 4.85
C GLU A 324 24.31 -23.64 5.67
N ASN A 325 24.25 -24.78 5.00
CA ASN A 325 24.13 -26.04 5.70
C ASN A 325 25.32 -26.95 5.50
N GLN A 326 26.52 -26.37 5.52
CA GLN A 326 27.77 -27.12 5.34
C GLN A 326 27.69 -28.17 4.23
N CYS A 327 27.33 -27.71 3.04
CA CYS A 327 27.22 -28.63 1.90
C CYS A 327 28.62 -29.11 1.53
N ASP A 328 28.65 -30.15 0.71
CA ASP A 328 29.92 -30.68 0.26
C ASP A 328 30.32 -29.89 -0.99
N ASN A 329 31.62 -29.72 -1.19
CA ASN A 329 32.14 -28.98 -2.33
C ASN A 329 31.80 -27.52 -2.18
N LYS A 330 31.94 -27.01 -0.96
CA LYS A 330 31.62 -25.62 -0.66
C LYS A 330 32.24 -24.64 -1.67
N GLU A 331 33.55 -24.73 -1.90
CA GLU A 331 34.22 -23.85 -2.85
C GLU A 331 33.56 -23.87 -4.22
N ASP A 332 33.25 -25.07 -4.71
CA ASP A 332 32.60 -25.19 -6.01
C ASP A 332 31.20 -24.54 -6.05
N ILE A 333 30.43 -24.74 -4.98
CA ILE A 333 29.09 -24.18 -4.90
C ILE A 333 29.13 -22.66 -4.85
N LEU A 334 30.06 -22.13 -4.05
CA LEU A 334 30.18 -20.68 -3.93
C LEU A 334 30.50 -20.11 -5.32
N ASN A 335 31.45 -20.75 -5.98
CA ASN A 335 31.83 -20.26 -7.28
C ASN A 335 30.71 -20.22 -8.28
N LYS A 336 29.87 -21.25 -8.30
CA LYS A 336 28.76 -21.27 -9.25
C LYS A 336 27.74 -20.21 -8.87
N ALA A 337 27.58 -20.01 -7.56
CA ALA A 337 26.64 -19.03 -7.06
C ALA A 337 27.09 -17.64 -7.49
N LEU A 338 28.37 -17.31 -7.29
CA LEU A 338 28.86 -15.99 -7.69
C LEU A 338 28.73 -15.79 -9.21
N GLU A 339 28.96 -16.83 -10.00
CA GLU A 339 28.87 -16.67 -11.42
C GLU A 339 27.46 -16.30 -11.80
N LEU A 340 26.48 -16.94 -11.18
CA LEU A 340 25.06 -16.64 -11.46
C LEU A 340 24.64 -15.22 -11.03
N CYS A 341 25.12 -14.79 -9.86
CA CYS A 341 24.82 -13.47 -9.35
C CYS A 341 25.31 -12.45 -10.37
N GLU A 342 26.52 -12.66 -10.88
CA GLU A 342 27.10 -11.77 -11.90
C GLU A 342 26.23 -11.77 -13.15
N ILE A 343 25.81 -12.97 -13.60
CA ILE A 343 24.98 -13.11 -14.79
C ILE A 343 23.63 -12.41 -14.67
N LEU A 344 23.05 -12.48 -13.46
CA LEU A 344 21.77 -11.85 -13.19
C LEU A 344 21.93 -10.34 -13.11
N ALA A 345 23.03 -9.90 -12.50
CA ALA A 345 23.30 -8.47 -12.35
C ALA A 345 23.69 -7.79 -13.66
N LYS A 346 24.47 -8.46 -14.49
CA LYS A 346 24.92 -7.88 -15.73
C LYS A 346 24.07 -8.17 -16.96
N GLU A 347 23.32 -9.26 -16.95
CA GLU A 347 22.54 -9.57 -18.14
C GLU A 347 21.11 -10.06 -18.01
N LYS A 348 20.87 -11.05 -17.16
CA LYS A 348 19.52 -11.60 -17.07
C LYS A 348 18.51 -10.90 -16.19
N ASP A 349 18.97 -10.13 -15.19
CA ASP A 349 18.03 -9.45 -14.30
C ASP A 349 18.63 -8.13 -13.78
N THR A 350 19.12 -7.33 -14.73
CA THR A 350 19.77 -6.03 -14.48
C THR A 350 19.01 -5.01 -13.63
N ILE A 351 17.69 -5.02 -13.71
CA ILE A 351 16.88 -4.10 -12.91
C ILE A 351 17.17 -4.36 -11.43
N ARG A 352 17.65 -5.55 -11.12
CA ARG A 352 17.98 -5.90 -9.75
C ARG A 352 19.50 -6.05 -9.56
N LYS A 353 20.26 -5.34 -10.39
CA LYS A 353 21.71 -5.37 -10.32
C LYS A 353 22.22 -5.18 -8.90
N GLU A 354 21.71 -4.16 -8.19
CA GLU A 354 22.13 -3.87 -6.82
C GLU A 354 21.79 -5.00 -5.86
N TYR A 355 20.62 -5.60 -6.03
CA TYR A 355 20.26 -6.65 -5.13
C TYR A 355 21.26 -7.77 -5.31
N TRP A 356 21.47 -8.18 -6.56
CA TRP A 356 22.39 -9.29 -6.87
C TRP A 356 23.81 -9.03 -6.41
N ARG A 357 24.29 -7.80 -6.59
CA ARG A 357 25.64 -7.44 -6.17
C ARG A 357 25.75 -7.63 -4.67
N TYR A 358 24.66 -7.34 -3.96
CA TYR A 358 24.61 -7.50 -2.52
C TYR A 358 24.72 -8.98 -2.17
N ILE A 359 23.89 -9.80 -2.82
CA ILE A 359 23.92 -11.24 -2.61
C ILE A 359 25.35 -11.73 -2.81
N GLY A 360 25.97 -11.31 -3.90
CA GLY A 360 27.34 -11.71 -4.16
C GLY A 360 28.23 -11.44 -2.95
N ARG A 361 28.22 -10.20 -2.46
CA ARG A 361 29.02 -9.82 -1.31
C ARG A 361 28.61 -10.58 -0.03
N SER A 362 27.32 -10.85 0.17
CA SER A 362 26.86 -11.59 1.37
C SER A 362 27.41 -12.99 1.38
N LEU A 363 27.40 -13.61 0.20
CA LEU A 363 27.89 -14.97 0.04
C LEU A 363 29.38 -15.01 0.36
N GLN A 364 30.10 -13.97 -0.05
CA GLN A 364 31.51 -13.94 0.23
C GLN A 364 31.83 -13.71 1.70
N SER A 365 31.06 -12.86 2.35
CA SER A 365 31.28 -12.56 3.77
C SER A 365 30.88 -13.73 4.66
N LYS A 366 30.05 -14.63 4.12
CA LYS A 366 29.58 -15.78 4.89
C LYS A 366 30.27 -17.12 4.63
N HIS A 367 30.79 -17.33 3.43
CA HIS A 367 31.37 -18.63 3.14
C HIS A 367 32.73 -18.65 2.44
N SER A 368 33.50 -17.56 2.47
CA SER A 368 34.80 -17.58 1.76
C SER A 368 35.90 -18.47 2.35
N THR A 369 36.12 -18.41 3.66
CA THR A 369 37.16 -19.24 4.30
C THR A 369 38.52 -19.04 3.59
N SER B 15 33.27 11.13 -22.21
CA SER B 15 31.86 10.81 -21.84
C SER B 15 30.88 11.59 -22.74
N SER B 16 29.71 11.96 -22.20
CA SER B 16 28.67 12.71 -22.95
C SER B 16 28.69 14.21 -22.67
N PRO B 17 28.18 15.01 -23.63
CA PRO B 17 28.16 16.46 -23.40
C PRO B 17 27.08 16.66 -22.32
N VAL B 18 27.17 17.77 -21.59
CA VAL B 18 26.22 18.05 -20.54
C VAL B 18 24.77 18.15 -21.01
N TRP B 19 24.54 18.37 -22.29
CA TRP B 19 23.18 18.48 -22.78
C TRP B 19 22.56 17.18 -23.24
N SER B 20 23.29 16.08 -23.09
CA SER B 20 22.74 14.78 -23.46
C SER B 20 23.03 13.81 -22.31
N GLU B 21 22.04 13.05 -21.90
CA GLU B 21 22.22 12.11 -20.81
C GLU B 21 21.56 10.79 -21.17
N PRO B 22 22.36 9.73 -21.38
CA PRO B 22 21.90 8.38 -21.74
C PRO B 22 21.00 7.80 -20.67
N LEU B 23 19.91 7.17 -21.10
CA LEU B 23 18.94 6.63 -20.17
C LEU B 23 18.88 5.10 -20.23
N TYR B 24 18.72 4.51 -19.03
CA TYR B 24 18.62 3.06 -18.89
C TYR B 24 17.48 2.50 -19.74
N SER B 25 16.34 3.20 -19.74
CA SER B 25 15.15 2.76 -20.48
C SER B 25 15.29 2.84 -21.98
N LEU B 26 16.32 3.53 -22.46
CA LEU B 26 16.53 3.68 -23.90
C LEU B 26 17.68 2.86 -24.48
N ARG B 27 18.32 2.02 -23.67
CA ARG B 27 19.40 1.19 -24.17
C ARG B 27 18.78 0.18 -25.14
N PRO B 28 19.48 -0.14 -26.24
CA PRO B 28 18.93 -1.10 -27.20
C PRO B 28 18.57 -2.43 -26.57
N GLU B 29 19.35 -2.85 -25.57
CA GLU B 29 19.08 -4.13 -24.92
C GLU B 29 17.86 -4.08 -24.01
N HIS B 30 17.37 -2.88 -23.72
CA HIS B 30 16.22 -2.75 -22.86
C HIS B 30 14.99 -3.39 -23.50
N ALA B 31 15.02 -3.58 -24.81
CA ALA B 31 13.90 -4.19 -25.54
C ALA B 31 13.66 -5.64 -25.12
N ARG B 32 14.72 -6.28 -24.68
CA ARG B 32 14.70 -7.68 -24.24
C ARG B 32 13.81 -7.87 -22.99
N GLU B 33 13.62 -6.80 -22.24
CA GLU B 33 12.83 -6.82 -21.01
C GLU B 33 11.32 -6.84 -21.24
N ARG B 34 10.91 -6.86 -22.50
CA ARG B 34 9.49 -6.88 -22.79
C ARG B 34 8.94 -8.25 -22.41
N LEU B 35 7.67 -8.25 -22.02
CA LEU B 35 6.98 -9.47 -21.58
C LEU B 35 7.09 -10.68 -22.52
N GLN B 36 7.31 -11.85 -21.92
CA GLN B 36 7.38 -13.11 -22.66
C GLN B 36 6.21 -13.90 -22.11
N ASP B 37 5.12 -13.90 -22.85
CA ASP B 37 3.92 -14.61 -22.38
C ASP B 37 3.87 -16.11 -22.69
N ASP B 38 5.02 -16.66 -23.07
CA ASP B 38 5.11 -18.10 -23.37
C ASP B 38 3.98 -18.60 -24.29
N SER B 39 3.43 -17.69 -25.09
CA SER B 39 2.32 -17.96 -26.02
C SER B 39 1.07 -18.44 -25.29
N VAL B 40 1.02 -18.15 -24.00
CA VAL B 40 -0.12 -18.52 -23.20
C VAL B 40 -0.69 -17.23 -22.62
N GLU B 41 -1.74 -16.73 -23.25
CA GLU B 41 -2.37 -15.48 -22.82
C GLU B 41 -3.48 -15.66 -21.77
N THR B 42 -3.51 -14.76 -20.80
CA THR B 42 -4.56 -14.74 -19.79
C THR B 42 -4.80 -13.26 -19.57
N VAL B 43 -5.83 -12.92 -18.82
CA VAL B 43 -6.12 -11.51 -18.62
C VAL B 43 -4.89 -10.73 -18.17
N THR B 44 -4.11 -11.37 -17.30
CA THR B 44 -2.90 -10.78 -16.72
C THR B 44 -1.81 -10.36 -17.73
N SER B 45 -1.43 -11.27 -18.62
CA SER B 45 -0.42 -10.99 -19.65
C SER B 45 -0.96 -9.97 -20.66
N ILE B 46 -2.24 -10.10 -21.00
CA ILE B 46 -2.89 -9.19 -21.95
C ILE B 46 -2.84 -7.76 -21.48
N GLU B 47 -3.18 -7.52 -20.21
CA GLU B 47 -3.14 -6.16 -19.63
C GLU B 47 -1.72 -5.61 -19.47
N GLN B 48 -0.80 -6.50 -19.07
CA GLN B 48 0.60 -6.15 -18.89
C GLN B 48 1.19 -5.71 -20.24
N ALA B 49 0.91 -6.48 -21.30
CA ALA B 49 1.39 -6.19 -22.67
C ALA B 49 0.89 -4.83 -23.17
N LYS B 50 -0.37 -4.52 -22.89
CA LYS B 50 -0.95 -3.25 -23.29
C LYS B 50 -0.20 -2.06 -22.69
N VAL B 51 0.06 -2.12 -21.39
CA VAL B 51 0.79 -1.05 -20.71
C VAL B 51 2.19 -0.92 -21.30
N GLU B 52 2.86 -2.06 -21.43
CA GLU B 52 4.20 -2.04 -21.97
C GLU B 52 4.22 -1.36 -23.34
N GLU B 53 3.20 -1.63 -24.14
CA GLU B 53 3.13 -1.07 -25.49
C GLU B 53 3.12 0.46 -25.42
N LYS B 54 2.29 0.98 -24.51
CA LYS B 54 2.16 2.44 -24.29
C LYS B 54 3.42 3.08 -23.70
N ILE B 55 4.05 2.38 -22.74
CA ILE B 55 5.27 2.87 -22.10
C ILE B 55 6.46 2.90 -23.08
N GLN B 56 6.49 1.95 -24.01
CA GLN B 56 7.57 1.95 -24.97
C GLN B 56 7.40 3.21 -25.80
N GLU B 57 6.17 3.49 -26.20
CA GLU B 57 5.89 4.69 -27.00
C GLU B 57 6.37 5.94 -26.29
N VAL B 58 6.01 6.06 -25.02
CA VAL B 58 6.42 7.21 -24.22
C VAL B 58 7.94 7.30 -24.20
N PHE B 59 8.60 6.21 -23.81
CA PHE B 59 10.06 6.16 -23.74
C PHE B 59 10.70 6.68 -25.02
N SER B 60 10.23 6.16 -26.14
CA SER B 60 10.76 6.54 -27.46
C SER B 60 10.63 8.01 -27.77
N SER B 61 9.60 8.65 -27.22
CA SER B 61 9.39 10.06 -27.47
C SER B 61 10.48 10.94 -26.85
N TYR B 62 11.30 10.38 -25.96
CA TYR B 62 12.37 11.17 -25.33
C TYR B 62 13.75 10.95 -25.96
N LYS B 63 13.76 10.17 -27.03
CA LYS B 63 15.00 9.84 -27.74
C LYS B 63 14.95 10.41 -29.13
N PHE B 64 16.08 10.95 -29.55
CA PHE B 64 16.22 11.53 -30.89
C PHE B 64 17.54 11.01 -31.42
N ASN B 65 17.57 9.70 -31.68
CA ASN B 65 18.76 8.98 -32.11
C ASN B 65 19.80 9.12 -30.98
N HIS B 66 21.00 9.59 -31.30
CA HIS B 66 22.03 9.75 -30.26
C HIS B 66 21.84 11.00 -29.38
N LEU B 67 20.80 11.79 -29.63
CA LEU B 67 20.53 12.97 -28.82
C LEU B 67 19.46 12.62 -27.74
N VAL B 68 19.84 12.73 -26.46
CA VAL B 68 18.90 12.40 -25.38
C VAL B 68 18.86 13.51 -24.32
N PRO B 69 18.06 14.55 -24.59
CA PRO B 69 17.90 15.72 -23.71
C PRO B 69 17.62 15.35 -22.25
N ARG B 70 18.12 16.18 -21.34
CA ARG B 70 17.91 15.96 -19.92
C ARG B 70 16.44 16.02 -19.54
N LEU B 71 16.04 15.09 -18.67
CA LEU B 71 14.66 14.98 -18.17
C LEU B 71 14.37 16.12 -17.22
N VAL B 72 13.13 16.59 -17.29
CA VAL B 72 12.76 17.69 -16.45
C VAL B 72 11.49 17.48 -15.64
N LEU B 73 11.60 17.68 -14.32
CA LEU B 73 10.46 17.60 -13.41
C LEU B 73 9.86 18.99 -13.58
N GLN B 74 8.56 19.07 -13.93
CA GLN B 74 7.87 20.34 -14.15
C GLN B 74 7.44 20.97 -12.84
N ARG B 75 8.40 21.32 -11.98
CA ARG B 75 8.11 21.91 -10.68
C ARG B 75 7.03 23.01 -10.58
N GLU B 76 7.08 23.99 -11.50
CA GLU B 76 6.13 25.10 -11.48
C GLU B 76 4.69 24.70 -11.75
N LYS B 77 4.47 23.86 -12.77
CA LYS B 77 3.13 23.37 -13.13
C LYS B 77 2.52 22.62 -11.95
N HIS B 78 3.37 21.82 -11.26
CA HIS B 78 3.01 21.03 -10.08
C HIS B 78 2.69 21.97 -8.92
N PHE B 79 3.56 22.95 -8.73
CA PHE B 79 3.36 23.92 -7.66
C PHE B 79 2.01 24.64 -7.76
N HIS B 80 1.65 25.05 -8.98
CA HIS B 80 0.38 25.75 -9.21
C HIS B 80 -0.86 24.86 -9.05
N TYR B 81 -0.71 23.58 -9.36
CA TYR B 81 -1.80 22.62 -9.22
C TYR B 81 -2.06 22.45 -7.70
N LEU B 82 -0.97 22.20 -6.98
CA LEU B 82 -1.02 22.01 -5.55
C LEU B 82 -1.61 23.24 -4.82
N LYS B 83 -0.95 24.39 -5.00
CA LYS B 83 -1.35 25.65 -4.37
C LYS B 83 -2.86 25.89 -4.47
N ARG B 84 -3.42 25.49 -5.61
CA ARG B 84 -4.85 25.65 -5.85
C ARG B 84 -5.64 24.66 -5.01
N GLY B 85 -5.24 23.40 -5.08
CA GLY B 85 -5.96 22.41 -4.32
C GLY B 85 -5.95 22.63 -2.81
N LEU B 86 -4.85 23.22 -2.28
CA LEU B 86 -4.72 23.42 -0.84
C LEU B 86 -5.86 24.25 -0.31
N ARG B 87 -6.40 25.10 -1.18
CA ARG B 87 -7.50 25.97 -0.81
C ARG B 87 -8.86 25.43 -1.21
N GLN B 88 -9.01 25.11 -2.50
CA GLN B 88 -10.28 24.65 -3.04
C GLN B 88 -10.21 23.41 -3.92
N LEU B 89 -11.29 22.62 -3.94
CA LEU B 89 -11.32 21.41 -4.72
C LEU B 89 -12.66 21.27 -5.40
N THR B 90 -12.70 20.78 -6.63
CA THR B 90 -13.99 20.63 -7.31
C THR B 90 -14.85 19.56 -6.63
N ASP B 91 -16.07 19.34 -7.15
CA ASP B 91 -16.97 18.33 -6.56
C ASP B 91 -16.51 16.90 -6.90
N ALA B 92 -15.46 16.80 -7.73
CA ALA B 92 -14.90 15.51 -8.12
C ALA B 92 -14.24 14.89 -6.88
N TYR B 93 -13.99 15.74 -5.88
CA TYR B 93 -13.40 15.29 -4.65
C TYR B 93 -14.43 15.01 -3.58
N GLU B 94 -15.68 14.86 -3.99
CA GLU B 94 -16.73 14.60 -3.01
C GLU B 94 -16.47 13.25 -2.36
N CYS B 95 -15.82 12.37 -3.12
CA CYS B 95 -15.51 11.02 -2.65
C CYS B 95 -14.41 10.97 -1.60
N LEU B 96 -13.82 12.13 -1.32
CA LEU B 96 -12.78 12.24 -0.31
C LEU B 96 -13.16 13.19 0.83
N ASP B 97 -14.46 13.45 0.96
CA ASP B 97 -14.98 14.35 2.01
C ASP B 97 -14.68 13.80 3.44
N ALA B 98 -14.40 12.50 3.53
CA ALA B 98 -14.10 11.86 4.81
C ALA B 98 -12.59 11.65 4.92
N SER B 99 -11.85 12.36 4.06
CA SER B 99 -10.38 12.34 3.98
C SER B 99 -9.77 13.72 3.67
N ARG B 100 -10.27 14.77 4.30
CA ARG B 100 -9.70 16.06 4.01
C ARG B 100 -8.34 16.26 4.71
N PRO B 101 -8.22 15.87 5.99
CA PRO B 101 -6.91 16.07 6.60
C PRO B 101 -5.83 15.32 5.76
N THR B 102 -6.27 14.24 5.13
CA THR B 102 -5.40 13.41 4.30
C THR B 102 -5.01 14.19 3.03
N LEU B 103 -5.96 14.96 2.49
CA LEU B 103 -5.73 15.79 1.29
C LEU B 103 -4.74 16.89 1.68
N CYS B 104 -4.87 17.34 2.93
CA CYS B 104 -3.97 18.35 3.48
C CYS B 104 -2.54 17.83 3.45
N TYR B 105 -2.33 16.68 4.09
CA TYR B 105 -1.01 16.05 4.17
C TYR B 105 -0.41 15.79 2.81
N TRP B 106 -1.19 15.18 1.92
CA TRP B 106 -0.74 14.89 0.55
C TRP B 106 -0.18 16.16 -0.13
N ILE B 107 -0.99 17.21 -0.13
CA ILE B 107 -0.64 18.47 -0.76
C ILE B 107 0.55 19.24 -0.11
N LEU B 108 0.56 19.31 1.22
CA LEU B 108 1.63 19.98 1.96
C LEU B 108 2.95 19.23 1.77
N HIS B 109 2.92 17.90 1.88
CA HIS B 109 4.14 17.09 1.72
C HIS B 109 4.67 17.27 0.31
N SER B 110 3.77 17.38 -0.66
CA SER B 110 4.18 17.57 -2.06
C SER B 110 4.93 18.89 -2.22
N LEU B 111 4.37 19.94 -1.61
CA LEU B 111 4.96 21.29 -1.62
C LEU B 111 6.29 21.24 -0.86
N GLU B 112 6.27 20.54 0.27
CA GLU B 112 7.48 20.37 1.09
C GLU B 112 8.57 19.75 0.24
N LEU B 113 8.25 18.62 -0.38
CA LEU B 113 9.22 17.94 -1.22
C LEU B 113 9.75 18.89 -2.33
N LEU B 114 8.84 19.67 -2.91
CA LEU B 114 9.16 20.61 -3.98
C LEU B 114 9.86 21.85 -3.44
N ASP B 115 10.06 21.88 -2.12
CA ASP B 115 10.70 23.02 -1.45
C ASP B 115 10.00 24.36 -1.76
N GLU B 116 8.68 24.33 -1.78
CA GLU B 116 7.85 25.52 -2.02
C GLU B 116 7.36 25.93 -0.65
N PRO B 117 7.78 27.11 -0.18
CA PRO B 117 7.37 27.62 1.14
C PRO B 117 5.85 27.78 1.34
N ILE B 118 5.45 27.62 2.60
CA ILE B 118 4.05 27.73 3.00
C ILE B 118 3.83 29.10 3.67
N PRO B 119 3.01 29.99 3.04
CA PRO B 119 2.76 31.31 3.61
C PRO B 119 2.17 31.19 5.02
N GLN B 120 2.71 31.99 5.96
CA GLN B 120 2.25 31.99 7.37
C GLN B 120 0.75 31.96 7.51
N ILE B 121 0.06 32.68 6.63
CA ILE B 121 -1.40 32.73 6.64
C ILE B 121 -2.03 31.38 6.30
N VAL B 122 -1.52 30.75 5.25
CA VAL B 122 -2.03 29.45 4.84
C VAL B 122 -1.75 28.43 5.96
N ALA B 123 -0.54 28.46 6.52
CA ALA B 123 -0.21 27.54 7.60
C ALA B 123 -1.20 27.66 8.76
N THR B 124 -1.52 28.90 9.16
CA THR B 124 -2.45 29.12 10.27
C THR B 124 -3.86 28.68 9.93
N ASP B 125 -4.22 28.80 8.66
CA ASP B 125 -5.54 28.38 8.27
C ASP B 125 -5.63 26.87 8.34
N VAL B 126 -4.58 26.19 7.89
CA VAL B 126 -4.55 24.74 7.92
C VAL B 126 -4.64 24.26 9.38
N CYS B 127 -3.93 24.97 10.26
CA CYS B 127 -3.93 24.64 11.69
C CYS B 127 -5.34 24.66 12.26
N GLN B 128 -6.04 25.75 11.96
CA GLN B 128 -7.39 25.92 12.45
C GLN B 128 -8.29 24.81 11.89
N PHE B 129 -8.17 24.56 10.60
CA PHE B 129 -8.99 23.53 9.98
C PHE B 129 -8.80 22.18 10.67
N LEU B 130 -7.53 21.80 10.88
CA LEU B 130 -7.24 20.52 11.53
C LEU B 130 -7.73 20.52 12.97
N GLU B 131 -7.84 21.71 13.55
CA GLU B 131 -8.32 21.82 14.92
C GLU B 131 -9.79 21.49 14.91
N LEU B 132 -10.47 21.94 13.87
CA LEU B 132 -11.90 21.71 13.70
C LEU B 132 -12.19 20.22 13.41
N CYS B 133 -11.17 19.50 12.95
CA CYS B 133 -11.35 18.09 12.63
C CYS B 133 -11.01 17.23 13.82
N GLN B 134 -10.37 17.80 14.83
CA GLN B 134 -10.03 17.00 15.99
C GLN B 134 -11.28 16.63 16.79
N SER B 135 -11.37 15.37 17.18
CA SER B 135 -12.50 14.93 17.97
C SER B 135 -12.25 15.18 19.47
N PRO B 136 -13.33 15.34 20.23
CA PRO B 136 -13.21 15.58 21.67
C PRO B 136 -12.75 14.29 22.35
N GLU B 137 -13.03 13.15 21.73
CA GLU B 137 -12.63 11.85 22.29
C GLU B 137 -11.17 11.55 21.90
N GLY B 138 -10.58 12.46 21.14
CA GLY B 138 -9.20 12.33 20.71
C GLY B 138 -9.10 11.92 19.26
N GLY B 139 -7.96 12.24 18.64
CA GLY B 139 -7.74 11.89 17.24
C GLY B 139 -8.37 12.89 16.29
N PHE B 140 -8.33 12.58 15.00
CA PHE B 140 -8.90 13.45 13.99
C PHE B 140 -9.83 12.66 13.07
N GLY B 141 -10.89 13.33 12.61
CA GLY B 141 -11.84 12.70 11.70
C GLY B 141 -11.56 13.15 10.26
N GLY B 142 -12.39 12.66 9.32
CA GLY B 142 -12.22 12.99 7.90
C GLY B 142 -12.61 14.41 7.55
N GLY B 143 -13.35 15.04 8.46
CA GLY B 143 -13.80 16.41 8.31
C GLY B 143 -14.43 16.86 9.61
N PRO B 144 -14.70 18.18 9.77
CA PRO B 144 -15.32 18.68 11.01
C PRO B 144 -16.57 17.89 11.40
N GLY B 145 -16.68 17.53 12.68
CA GLY B 145 -17.84 16.79 13.14
C GLY B 145 -17.84 15.29 12.87
N GLN B 146 -16.85 14.82 12.08
CA GLN B 146 -16.71 13.39 11.77
C GLN B 146 -16.03 12.61 12.91
N TYR B 147 -16.43 11.36 13.11
CA TYR B 147 -15.79 10.56 14.14
C TYR B 147 -14.29 10.48 13.81
N PRO B 148 -13.43 10.24 14.82
CA PRO B 148 -11.99 10.14 14.57
C PRO B 148 -11.63 8.82 13.86
N HIS B 149 -10.57 8.86 13.07
CA HIS B 149 -10.16 7.70 12.27
C HIS B 149 -8.65 7.81 12.12
N LEU B 150 -7.95 6.68 12.25
CA LEU B 150 -6.48 6.67 12.17
C LEU B 150 -5.89 7.19 10.87
N ALA B 151 -6.63 7.01 9.77
CA ALA B 151 -6.14 7.46 8.48
C ALA B 151 -5.94 8.96 8.58
N PRO B 152 -7.05 9.70 8.79
CA PRO B 152 -6.95 11.15 8.91
C PRO B 152 -6.14 11.60 10.15
N THR B 153 -6.12 10.78 11.20
CA THR B 153 -5.35 11.15 12.40
C THR B 153 -3.88 11.17 12.00
N TYR B 154 -3.46 10.12 11.28
CA TYR B 154 -2.08 10.01 10.81
C TYR B 154 -1.73 11.24 9.98
N ALA B 155 -2.61 11.54 9.02
CA ALA B 155 -2.43 12.66 8.11
C ALA B 155 -2.34 14.00 8.84
N ALA B 156 -3.26 14.21 9.79
CA ALA B 156 -3.36 15.45 10.55
C ALA B 156 -2.14 15.73 11.38
N VAL B 157 -1.52 14.69 11.95
CA VAL B 157 -0.32 14.89 12.77
C VAL B 157 0.87 15.19 11.86
N ASN B 158 0.98 14.51 10.72
CA ASN B 158 2.07 14.73 9.76
C ASN B 158 1.99 16.10 9.17
N ALA B 159 0.78 16.53 8.88
CA ALA B 159 0.58 17.87 8.33
C ALA B 159 1.05 18.95 9.32
N LEU B 160 0.70 18.76 10.60
CA LEU B 160 1.07 19.67 11.70
C LEU B 160 2.58 19.67 11.93
N CYS B 161 3.22 18.53 11.69
CA CYS B 161 4.67 18.43 11.85
C CYS B 161 5.43 19.01 10.65
N ILE B 162 4.79 18.99 9.47
CA ILE B 162 5.37 19.56 8.26
C ILE B 162 5.39 21.08 8.50
N ILE B 163 4.30 21.63 9.08
CA ILE B 163 4.20 23.08 9.39
C ILE B 163 5.23 23.43 10.45
N GLY B 164 5.41 22.50 11.39
CA GLY B 164 6.40 22.61 12.44
C GLY B 164 6.45 23.77 13.41
N THR B 165 5.37 24.54 13.51
CA THR B 165 5.34 25.68 14.42
C THR B 165 4.78 25.20 15.76
N GLU B 166 5.09 25.92 16.84
CA GLU B 166 4.56 25.54 18.15
C GLU B 166 3.05 25.61 18.12
N GLU B 167 2.53 26.51 17.28
CA GLU B 167 1.08 26.65 17.12
C GLU B 167 0.52 25.30 16.59
N ALA B 168 1.17 24.78 15.54
CA ALA B 168 0.77 23.52 14.93
C ALA B 168 0.88 22.36 15.94
N TYR B 169 2.02 22.30 16.61
CA TYR B 169 2.30 21.25 17.58
C TYR B 169 1.28 21.18 18.69
N ASP B 170 0.95 22.35 19.25
CA ASP B 170 0.01 22.40 20.38
C ASP B 170 -1.46 22.10 20.09
N ILE B 171 -1.80 22.08 18.81
CA ILE B 171 -3.17 21.80 18.42
C ILE B 171 -3.52 20.36 18.80
N ILE B 172 -2.52 19.48 18.81
CA ILE B 172 -2.80 18.09 19.14
C ILE B 172 -3.10 17.90 20.62
N ASN B 173 -4.25 17.33 20.93
CA ASN B 173 -4.60 17.05 22.32
C ASN B 173 -3.97 15.68 22.58
N ARG B 174 -2.76 15.69 23.13
CA ARG B 174 -2.04 14.45 23.39
C ARG B 174 -2.70 13.51 24.39
N GLU B 175 -3.27 14.06 25.46
CA GLU B 175 -3.93 13.22 26.45
C GLU B 175 -5.07 12.40 25.83
N LYS B 176 -5.93 13.05 25.05
CA LYS B 176 -7.05 12.31 24.44
C LYS B 176 -6.57 11.39 23.32
N LEU B 177 -5.50 11.79 22.63
CA LEU B 177 -4.97 11.01 21.52
C LEU B 177 -4.54 9.67 22.03
N LEU B 178 -3.91 9.65 23.20
CA LEU B 178 -3.46 8.39 23.77
C LEU B 178 -4.65 7.53 24.17
N GLN B 179 -5.65 8.15 24.76
CA GLN B 179 -6.84 7.44 25.19
C GLN B 179 -7.53 6.80 23.99
N TYR B 180 -7.54 7.55 22.89
CA TYR B 180 -8.17 7.11 21.64
C TYR B 180 -7.42 5.89 21.10
N LEU B 181 -6.09 5.93 21.14
CA LEU B 181 -5.34 4.81 20.64
C LEU B 181 -5.73 3.63 21.48
N TYR B 182 -5.84 3.81 22.79
CA TYR B 182 -6.22 2.70 23.69
C TYR B 182 -7.59 2.10 23.38
N SER B 183 -8.54 2.94 22.97
CA SER B 183 -9.90 2.48 22.64
C SER B 183 -9.99 1.70 21.32
N LEU B 184 -8.85 1.60 20.62
CA LEU B 184 -8.77 0.88 19.35
C LEU B 184 -7.88 -0.36 19.47
N LYS B 185 -7.17 -0.49 20.59
CA LYS B 185 -6.29 -1.64 20.81
C LYS B 185 -7.08 -2.92 21.08
N GLN B 186 -6.71 -3.94 20.33
CA GLN B 186 -7.34 -5.24 20.44
C GLN B 186 -6.35 -6.07 21.26
N PRO B 187 -6.83 -7.18 21.84
CA PRO B 187 -5.97 -8.05 22.65
C PRO B 187 -4.95 -8.82 21.83
N ASP B 188 -5.24 -9.05 20.55
CA ASP B 188 -4.26 -9.78 19.76
C ASP B 188 -3.12 -8.89 19.23
N GLY B 189 -3.02 -7.68 19.72
CA GLY B 189 -1.95 -6.83 19.24
C GLY B 189 -2.33 -5.88 18.13
N SER B 190 -3.45 -6.11 17.43
CA SER B 190 -3.89 -5.23 16.35
C SER B 190 -4.70 -3.99 16.82
N PHE B 191 -5.03 -3.11 15.87
CA PHE B 191 -5.81 -1.89 16.13
C PHE B 191 -6.96 -1.73 15.13
N LEU B 192 -8.11 -1.21 15.60
CA LEU B 192 -9.22 -0.96 14.71
C LEU B 192 -8.82 0.33 14.04
N MET B 193 -9.32 0.59 12.83
CA MET B 193 -9.00 1.84 12.14
C MET B 193 -9.79 3.01 12.80
N HIS B 194 -10.97 2.70 13.35
CA HIS B 194 -11.84 3.66 14.03
C HIS B 194 -12.85 2.84 14.83
N VAL B 195 -13.45 3.43 15.85
CA VAL B 195 -14.41 2.68 16.67
C VAL B 195 -15.43 1.90 15.84
N GLY B 196 -15.54 0.61 16.13
CA GLY B 196 -16.46 -0.21 15.37
C GLY B 196 -15.98 -0.41 13.93
N GLY B 197 -14.72 -0.09 13.66
CA GLY B 197 -14.23 -0.23 12.30
C GLY B 197 -13.49 -1.52 11.99
N GLU B 198 -12.93 -1.55 10.77
CA GLU B 198 -12.17 -2.69 10.27
C GLU B 198 -10.72 -2.70 10.78
N VAL B 199 -10.12 -3.90 10.80
CA VAL B 199 -8.74 -4.13 11.23
C VAL B 199 -7.80 -4.66 10.15
N ASP B 200 -6.62 -4.04 10.09
CA ASP B 200 -5.58 -4.48 9.19
C ASP B 200 -4.34 -3.67 9.52
N VAL B 201 -3.23 -4.08 8.96
CA VAL B 201 -1.94 -3.46 9.25
C VAL B 201 -1.81 -1.96 9.07
N ARG B 202 -2.68 -1.32 8.31
CA ARG B 202 -2.55 0.12 8.17
C ARG B 202 -2.60 0.74 9.58
N SER B 203 -3.54 0.26 10.40
CA SER B 203 -3.80 0.75 11.77
C SER B 203 -2.64 0.68 12.73
N ALA B 204 -1.82 -0.33 12.57
CA ALA B 204 -0.64 -0.48 13.43
C ALA B 204 0.35 0.62 13.04
N TYR B 205 0.48 0.90 11.74
CA TYR B 205 1.39 1.94 11.30
C TYR B 205 0.88 3.33 11.64
N CYS B 206 -0.42 3.57 11.52
CA CYS B 206 -0.93 4.89 11.87
C CYS B 206 -0.67 5.15 13.36
N ALA B 207 -1.09 4.19 14.19
CA ALA B 207 -0.95 4.24 15.64
C ALA B 207 0.48 4.54 16.06
N ALA B 208 1.40 3.69 15.62
CA ALA B 208 2.81 3.86 15.95
C ALA B 208 3.40 5.21 15.45
N SER B 209 3.01 5.62 14.24
CA SER B 209 3.49 6.86 13.64
C SER B 209 3.16 8.04 14.54
N VAL B 210 1.87 8.25 14.83
CA VAL B 210 1.45 9.36 15.68
C VAL B 210 1.93 9.20 17.14
N ALA B 211 1.87 7.98 17.67
CA ALA B 211 2.31 7.75 19.05
C ALA B 211 3.77 8.12 19.30
N SER B 212 4.68 7.68 18.42
CA SER B 212 6.10 7.99 18.56
C SER B 212 6.42 9.47 18.29
N LEU B 213 5.77 10.09 17.28
CA LEU B 213 6.04 11.52 17.03
C LEU B 213 5.65 12.44 18.22
N THR B 214 4.42 12.27 18.71
CA THR B 214 3.93 13.08 19.81
C THR B 214 4.41 12.60 21.18
N ASN B 215 5.24 11.56 21.21
CA ASN B 215 5.76 11.07 22.48
C ASN B 215 4.65 10.67 23.48
N ILE B 216 3.81 9.70 23.08
CA ILE B 216 2.72 9.22 23.93
C ILE B 216 2.72 7.70 24.05
N ILE B 217 3.87 7.07 23.79
CA ILE B 217 4.00 5.62 23.85
C ILE B 217 4.24 5.08 25.27
N THR B 218 3.35 4.18 25.68
CA THR B 218 3.43 3.51 26.97
C THR B 218 3.90 2.09 26.69
N PRO B 219 4.43 1.41 27.70
CA PRO B 219 4.90 0.04 27.49
C PRO B 219 3.82 -0.93 26.99
N ASP B 220 2.59 -0.72 27.41
CA ASP B 220 1.49 -1.62 27.03
C ASP B 220 0.74 -1.26 25.74
N LEU B 221 0.82 0.01 25.35
CA LEU B 221 0.16 0.46 24.14
C LEU B 221 0.38 -0.51 22.99
N PHE B 222 1.63 -0.87 22.73
CA PHE B 222 1.93 -1.77 21.62
C PHE B 222 2.25 -3.22 21.99
N GLU B 223 1.70 -3.67 23.12
CA GLU B 223 1.94 -5.04 23.53
C GLU B 223 1.26 -5.97 22.51
N GLY B 224 2.05 -6.92 21.99
CA GLY B 224 1.54 -7.88 21.02
C GLY B 224 1.37 -7.40 19.58
N THR B 225 1.68 -6.13 19.34
CA THR B 225 1.58 -5.56 18.01
C THR B 225 2.67 -6.08 17.05
N ALA B 226 3.93 -6.13 17.49
CA ALA B 226 5.01 -6.63 16.62
C ALA B 226 4.73 -8.07 16.20
N GLU B 227 4.27 -8.88 17.15
CA GLU B 227 3.95 -10.28 16.88
C GLU B 227 2.86 -10.39 15.85
N TRP B 228 1.86 -9.53 15.99
CA TRP B 228 0.72 -9.50 15.06
C TRP B 228 1.16 -9.08 13.66
N ILE B 229 2.05 -8.09 13.55
CA ILE B 229 2.51 -7.65 12.25
C ILE B 229 3.32 -8.73 11.54
N ALA B 230 4.12 -9.48 12.31
CA ALA B 230 4.93 -10.54 11.76
C ALA B 230 4.02 -11.60 11.16
N ARG B 231 2.96 -11.94 11.88
CA ARG B 231 2.00 -12.92 11.40
C ARG B 231 1.43 -12.51 10.03
N CYS B 232 1.67 -11.25 9.66
CA CYS B 232 1.17 -10.74 8.40
C CYS B 232 2.11 -10.96 7.25
N GLN B 233 3.37 -11.24 7.53
CA GLN B 233 4.29 -11.52 6.44
C GLN B 233 3.89 -12.90 5.91
N ASN B 234 3.87 -13.10 4.60
CA ASN B 234 3.44 -14.40 4.12
C ASN B 234 4.51 -15.14 3.33
N TRP B 235 4.09 -16.27 2.74
CA TRP B 235 4.95 -17.12 1.94
C TRP B 235 5.68 -16.38 0.84
N GLU B 236 5.13 -15.26 0.41
CA GLU B 236 5.75 -14.50 -0.66
C GLU B 236 6.94 -13.73 -0.12
N GLY B 237 6.88 -13.39 1.17
CA GLY B 237 7.95 -12.63 1.79
C GLY B 237 7.54 -11.21 2.12
N GLY B 238 6.49 -10.75 1.45
CA GLY B 238 5.97 -9.42 1.71
C GLY B 238 4.95 -9.48 2.84
N ILE B 239 4.24 -8.38 3.07
CA ILE B 239 3.26 -8.34 4.14
C ILE B 239 1.86 -8.10 3.59
N GLY B 240 0.86 -8.74 4.18
CA GLY B 240 -0.50 -8.60 3.73
C GLY B 240 -1.22 -7.73 4.72
N GLY B 241 -2.47 -7.41 4.43
CA GLY B 241 -3.21 -6.56 5.33
C GLY B 241 -3.48 -7.26 6.64
N VAL B 242 -3.73 -8.55 6.58
CA VAL B 242 -4.00 -9.32 7.78
C VAL B 242 -3.41 -10.70 7.59
N PRO B 243 -3.18 -11.43 8.68
CA PRO B 243 -2.61 -12.76 8.54
C PRO B 243 -3.31 -13.60 7.47
N GLY B 244 -2.53 -14.13 6.53
CA GLY B 244 -3.09 -14.98 5.49
C GLY B 244 -3.28 -14.33 4.13
N MET B 245 -3.45 -13.02 4.11
CA MET B 245 -3.65 -12.31 2.86
C MET B 245 -2.39 -12.09 2.01
N GLU B 246 -2.63 -11.80 0.74
CA GLU B 246 -1.58 -11.60 -0.25
C GLU B 246 -0.56 -10.50 0.08
N ALA B 247 0.68 -10.69 -0.37
CA ALA B 247 1.71 -9.69 -0.12
C ALA B 247 1.34 -8.48 -0.94
N HIS B 248 1.38 -7.29 -0.32
CA HIS B 248 0.96 -6.04 -0.95
C HIS B 248 1.81 -4.82 -0.52
N GLY B 249 2.39 -4.15 -1.52
CA GLY B 249 3.27 -3.02 -1.26
C GLY B 249 2.84 -2.06 -0.19
N GLY B 250 1.57 -1.71 -0.21
CA GLY B 250 1.07 -0.75 0.74
C GLY B 250 1.04 -1.28 2.15
N TYR B 251 0.56 -2.50 2.29
CA TYR B 251 0.48 -3.05 3.61
C TYR B 251 1.88 -3.37 4.08
N THR B 252 2.78 -3.70 3.14
CA THR B 252 4.15 -4.04 3.52
C THR B 252 4.89 -2.80 4.03
N PHE B 253 4.69 -1.65 3.37
CA PHE B 253 5.32 -0.46 3.87
C PHE B 253 4.82 -0.23 5.29
N CYS B 254 3.50 -0.28 5.46
CA CYS B 254 2.88 -0.11 6.77
C CYS B 254 3.50 -0.98 7.87
N GLY B 255 3.58 -2.28 7.58
CA GLY B 255 4.11 -3.21 8.56
C GLY B 255 5.55 -3.00 9.00
N LEU B 256 6.45 -2.82 8.04
CA LEU B 256 7.86 -2.64 8.30
C LEU B 256 8.18 -1.37 9.04
N ALA B 257 7.64 -0.28 8.55
CA ALA B 257 7.83 1.03 9.17
C ALA B 257 7.30 1.00 10.62
N ALA B 258 6.23 0.24 10.85
CA ALA B 258 5.64 0.12 12.19
C ALA B 258 6.63 -0.62 13.09
N LEU B 259 7.16 -1.73 12.60
CA LEU B 259 8.12 -2.48 13.38
C LEU B 259 9.42 -1.69 13.58
N VAL B 260 9.78 -0.84 12.61
CA VAL B 260 11.01 -0.03 12.73
C VAL B 260 10.79 0.95 13.89
N ILE B 261 9.58 1.47 14.00
CA ILE B 261 9.23 2.40 15.08
C ILE B 261 9.29 1.65 16.40
N LEU B 262 8.78 0.44 16.42
CA LEU B 262 8.79 -0.36 17.64
C LEU B 262 10.16 -1.03 17.90
N LYS B 263 11.10 -0.80 16.99
CA LYS B 263 12.43 -1.41 17.07
C LYS B 263 12.29 -2.92 17.19
N ARG B 264 11.52 -3.51 16.28
CA ARG B 264 11.29 -4.95 16.28
C ARG B 264 11.35 -5.57 14.88
N GLU B 265 12.05 -4.89 13.94
CA GLU B 265 12.18 -5.39 12.57
C GLU B 265 12.59 -6.86 12.52
N ARG B 266 13.36 -7.27 13.51
CA ARG B 266 13.85 -8.64 13.57
C ARG B 266 12.76 -9.67 13.67
N SER B 267 11.55 -9.25 13.99
CA SER B 267 10.49 -10.22 14.12
C SER B 267 10.11 -10.77 12.75
N LEU B 268 10.64 -10.17 11.69
CA LEU B 268 10.32 -10.61 10.32
C LEU B 268 11.50 -11.30 9.63
N ASN B 269 11.18 -12.07 8.59
CA ASN B 269 12.21 -12.71 7.79
C ASN B 269 12.70 -11.62 6.81
N LEU B 270 13.68 -10.83 7.22
CA LEU B 270 14.14 -9.77 6.34
C LEU B 270 14.66 -10.24 4.99
N LYS B 271 15.10 -11.48 4.91
CA LYS B 271 15.63 -12.00 3.67
C LYS B 271 14.53 -12.22 2.65
N SER B 272 13.42 -12.80 3.09
CA SER B 272 12.34 -13.06 2.14
C SER B 272 11.67 -11.78 1.74
N LEU B 273 11.65 -10.83 2.68
CA LEU B 273 11.04 -9.53 2.45
C LEU B 273 11.82 -8.72 1.44
N LEU B 274 13.14 -8.75 1.57
CA LEU B 274 14.00 -8.03 0.66
C LEU B 274 13.83 -8.58 -0.74
N GLN B 275 13.91 -9.90 -0.89
CA GLN B 275 13.79 -10.50 -2.20
C GLN B 275 12.42 -10.29 -2.80
N TRP B 276 11.41 -10.12 -1.95
CA TRP B 276 10.07 -9.91 -2.47
C TRP B 276 9.92 -8.55 -3.10
N VAL B 277 10.28 -7.53 -2.31
CA VAL B 277 10.18 -6.13 -2.73
C VAL B 277 11.04 -5.79 -3.93
N THR B 278 12.25 -6.31 -4.00
CA THR B 278 13.10 -6.01 -5.15
C THR B 278 12.52 -6.65 -6.40
N SER B 279 11.75 -7.72 -6.24
CA SER B 279 11.20 -8.35 -7.41
C SER B 279 9.99 -7.60 -7.87
N ARG B 280 9.54 -6.61 -7.09
CA ARG B 280 8.36 -5.84 -7.45
C ARG B 280 8.63 -4.68 -8.41
N GLN B 281 9.89 -4.38 -8.71
CA GLN B 281 10.22 -3.30 -9.65
C GLN B 281 10.13 -3.94 -11.04
N MET B 282 9.34 -3.34 -11.94
CA MET B 282 9.15 -3.89 -13.27
C MET B 282 10.39 -3.75 -14.16
N ARG B 283 10.89 -4.88 -14.67
CA ARG B 283 12.08 -4.88 -15.51
C ARG B 283 11.97 -3.96 -16.75
N PHE B 284 10.75 -3.76 -17.27
CA PHE B 284 10.58 -2.90 -18.44
C PHE B 284 10.19 -1.47 -18.10
N GLU B 285 9.14 -1.31 -17.30
CA GLU B 285 8.65 0.01 -16.88
C GLU B 285 9.64 0.80 -16.02
N GLY B 286 10.27 0.15 -15.06
CA GLY B 286 11.18 0.90 -14.22
C GLY B 286 10.49 1.32 -12.92
N GLY B 287 9.17 1.18 -12.89
CA GLY B 287 8.42 1.54 -11.68
C GLY B 287 8.10 0.31 -10.84
N PHE B 288 7.19 0.44 -9.88
CA PHE B 288 6.83 -0.71 -9.06
C PHE B 288 5.34 -1.10 -9.19
N GLN B 289 5.07 -2.42 -9.05
CA GLN B 289 3.71 -2.95 -9.09
C GLN B 289 3.45 -3.12 -7.60
N GLY B 290 2.19 -3.24 -7.20
CA GLY B 290 1.89 -3.38 -5.79
C GLY B 290 1.85 -4.82 -5.32
N ARG B 291 1.52 -5.70 -6.27
CA ARG B 291 1.44 -7.13 -6.03
C ARG B 291 2.02 -7.84 -7.24
N CYS B 292 2.57 -9.03 -7.02
CA CYS B 292 3.16 -9.80 -8.11
C CYS B 292 2.11 -10.07 -9.17
N ASN B 293 2.50 -9.92 -10.44
CA ASN B 293 1.60 -10.11 -11.56
C ASN B 293 0.45 -9.09 -11.65
N LYS B 294 0.73 -7.85 -11.25
CA LYS B 294 -0.27 -6.78 -11.38
C LYS B 294 0.46 -5.62 -12.08
N LEU B 295 -0.29 -4.63 -12.57
CA LEU B 295 0.34 -3.51 -13.29
C LEU B 295 1.16 -2.54 -12.49
N VAL B 296 2.05 -1.84 -13.20
CA VAL B 296 2.90 -0.84 -12.58
C VAL B 296 2.02 0.34 -12.16
N ASP B 297 2.43 1.08 -11.14
CA ASP B 297 1.65 2.23 -10.69
C ASP B 297 2.58 3.20 -10.00
N GLY B 298 2.53 4.45 -10.43
CA GLY B 298 3.41 5.45 -9.84
C GLY B 298 3.39 5.58 -8.32
N CYS B 299 2.23 5.41 -7.69
CA CYS B 299 2.17 5.58 -6.24
C CYS B 299 2.94 4.53 -5.42
N TYR B 300 3.23 3.38 -6.02
CA TYR B 300 4.00 2.35 -5.32
C TYR B 300 5.48 2.77 -5.26
N SER B 301 5.85 3.75 -6.11
CA SER B 301 7.20 4.27 -6.16
C SER B 301 7.60 4.56 -4.73
N PHE B 302 6.64 4.93 -3.90
CA PHE B 302 7.01 5.16 -2.52
C PHE B 302 6.75 3.95 -1.63
N TRP B 303 5.57 3.37 -1.74
CA TRP B 303 5.22 2.26 -0.88
C TRP B 303 6.27 1.16 -0.98
N GLN B 304 6.65 0.84 -2.22
CA GLN B 304 7.61 -0.22 -2.42
C GLN B 304 9.04 0.25 -2.21
N ALA B 305 9.53 1.11 -3.10
CA ALA B 305 10.90 1.59 -3.03
C ALA B 305 11.29 2.12 -1.64
N GLY B 306 10.29 2.63 -0.92
CA GLY B 306 10.54 3.17 0.41
C GLY B 306 10.96 2.08 1.39
N LEU B 307 10.62 0.85 1.04
CA LEU B 307 10.96 -0.28 1.87
C LEU B 307 12.46 -0.51 1.92
N LEU B 308 13.15 -0.22 0.80
CA LEU B 308 14.58 -0.46 0.75
C LEU B 308 15.37 0.28 1.79
N PRO B 309 15.10 1.58 1.99
CA PRO B 309 15.84 2.32 3.01
C PRO B 309 15.57 1.77 4.42
N LEU B 310 14.34 1.30 4.65
CA LEU B 310 13.99 0.73 5.95
C LEU B 310 14.79 -0.53 6.13
N LEU B 311 14.86 -1.36 5.08
CA LEU B 311 15.61 -2.64 5.14
C LEU B 311 17.08 -2.35 5.35
N HIS B 312 17.62 -1.40 4.60
CA HIS B 312 19.02 -1.03 4.73
C HIS B 312 19.32 -0.70 6.21
N ARG B 313 18.47 0.12 6.81
CA ARG B 313 18.60 0.52 8.21
C ARG B 313 18.51 -0.68 9.12
N ALA B 314 17.54 -1.55 8.87
CA ALA B 314 17.38 -2.73 9.70
C ALA B 314 18.62 -3.64 9.61
N LEU B 315 19.10 -3.90 8.40
CA LEU B 315 20.28 -4.75 8.19
C LEU B 315 21.54 -4.13 8.75
N HIS B 316 21.68 -2.81 8.57
CA HIS B 316 22.85 -2.09 9.04
C HIS B 316 22.96 -2.13 10.55
N ALA B 317 21.81 -2.15 11.24
CA ALA B 317 21.81 -2.21 12.69
C ALA B 317 22.26 -3.60 13.13
N GLN B 318 22.06 -4.58 12.25
CA GLN B 318 22.47 -5.94 12.56
C GLN B 318 23.95 -6.19 12.21
N GLY B 319 24.62 -5.15 11.70
CA GLY B 319 26.02 -5.27 11.32
C GLY B 319 26.26 -6.05 10.03
N ASP B 320 25.39 -5.88 9.02
CA ASP B 320 25.54 -6.58 7.75
C ASP B 320 26.74 -6.01 6.99
N PRO B 321 27.82 -6.80 6.86
CA PRO B 321 29.03 -6.34 6.16
C PRO B 321 28.91 -6.19 4.65
N ALA B 322 27.87 -6.77 4.06
CA ALA B 322 27.70 -6.71 2.62
C ALA B 322 26.80 -5.59 2.12
N LEU B 323 26.38 -4.71 3.03
CA LEU B 323 25.52 -3.60 2.63
C LEU B 323 26.29 -2.54 1.83
N SER B 324 25.62 -1.94 0.85
CA SER B 324 26.21 -0.91 0.01
C SER B 324 26.38 0.36 0.86
N MET B 325 27.33 1.20 0.47
CA MET B 325 27.55 2.46 1.17
C MET B 325 27.24 3.59 0.23
N SER B 326 26.52 3.30 -0.85
CA SER B 326 26.22 4.34 -1.82
C SER B 326 24.87 4.21 -2.52
N HIS B 327 24.25 3.02 -2.44
CA HIS B 327 22.96 2.82 -3.11
C HIS B 327 21.93 1.96 -2.34
N TRP B 328 20.65 2.17 -2.68
CA TRP B 328 19.51 1.42 -2.14
C TRP B 328 19.43 0.18 -3.04
N MET B 329 18.97 -0.95 -2.49
CA MET B 329 18.92 -2.15 -3.31
C MET B 329 17.80 -2.24 -4.32
N PHE B 330 17.67 -1.21 -5.15
CA PHE B 330 16.69 -1.19 -6.23
C PHE B 330 17.30 -0.32 -7.33
N HIS B 331 16.65 -0.30 -8.49
CA HIS B 331 17.21 0.48 -9.60
C HIS B 331 16.78 1.92 -9.45
N GLN B 332 17.58 2.70 -8.74
CA GLN B 332 17.28 4.11 -8.52
C GLN B 332 17.10 4.88 -9.84
N GLN B 333 17.97 4.64 -10.81
CA GLN B 333 17.83 5.38 -12.03
C GLN B 333 16.55 4.98 -12.76
N ALA B 334 16.34 3.68 -12.85
CA ALA B 334 15.17 3.20 -13.55
C ALA B 334 13.89 3.80 -12.97
N LEU B 335 13.79 3.87 -11.64
CA LEU B 335 12.58 4.42 -11.02
C LEU B 335 12.40 5.87 -11.39
N GLN B 336 13.52 6.59 -11.43
CA GLN B 336 13.49 8.01 -11.77
C GLN B 336 13.05 8.20 -13.21
N GLU B 337 13.43 7.31 -14.12
CA GLU B 337 13.01 7.42 -15.51
C GLU B 337 11.51 7.13 -15.68
N TYR B 338 10.98 6.22 -14.87
CA TYR B 338 9.55 5.92 -14.98
C TYR B 338 8.70 7.07 -14.50
N ILE B 339 9.07 7.63 -13.35
CA ILE B 339 8.35 8.75 -12.76
C ILE B 339 8.44 9.96 -13.69
N LEU B 340 9.66 10.42 -14.01
CA LEU B 340 9.84 11.58 -14.90
C LEU B 340 9.29 11.48 -16.33
N MET B 341 9.39 10.33 -16.99
CA MET B 341 8.86 10.24 -18.36
C MET B 341 7.43 9.70 -18.49
N CYS B 342 6.94 9.00 -17.48
CA CYS B 342 5.61 8.44 -17.59
C CYS B 342 4.55 8.97 -16.64
N CYS B 343 4.99 9.44 -15.46
CA CYS B 343 4.08 9.94 -14.41
C CYS B 343 3.72 11.44 -14.27
N GLN B 344 4.18 12.28 -15.20
CA GLN B 344 3.87 13.69 -15.10
C GLN B 344 2.71 14.12 -16.01
N CYS B 345 1.79 14.91 -15.43
CA CYS B 345 0.67 15.46 -16.19
C CYS B 345 1.18 16.81 -16.70
N PRO B 346 1.13 17.03 -18.03
CA PRO B 346 1.62 18.28 -18.64
C PRO B 346 1.04 19.51 -17.98
N ALA B 347 -0.22 19.41 -17.58
CA ALA B 347 -0.95 20.47 -16.90
C ALA B 347 -0.58 20.61 -15.42
N GLY B 348 0.30 19.74 -14.93
CA GLY B 348 0.70 19.77 -13.52
C GLY B 348 0.10 18.61 -12.71
N GLY B 349 0.87 18.13 -11.74
CA GLY B 349 0.42 17.00 -10.94
C GLY B 349 0.97 15.69 -11.48
N LEU B 350 0.98 14.64 -10.66
CA LEU B 350 1.50 13.36 -11.14
C LEU B 350 0.44 12.29 -11.08
N LEU B 351 0.73 11.13 -11.65
CA LEU B 351 -0.25 10.04 -11.71
C LEU B 351 0.23 8.59 -11.68
N ASP B 352 -0.74 7.69 -11.78
CA ASP B 352 -0.53 6.22 -11.79
C ASP B 352 0.37 5.78 -12.96
N LYS B 353 -0.15 5.98 -14.17
CA LYS B 353 0.56 5.62 -15.40
C LYS B 353 -0.07 6.42 -16.52
N PRO B 354 0.58 6.45 -17.71
CA PRO B 354 0.10 7.16 -18.90
C PRO B 354 -1.32 6.69 -19.23
N GLY B 355 -2.25 7.64 -19.34
CA GLY B 355 -3.63 7.30 -19.66
C GLY B 355 -4.55 7.53 -18.47
N LYS B 356 -3.95 7.68 -17.30
CA LYS B 356 -4.69 7.91 -16.07
C LYS B 356 -4.74 9.43 -15.84
N SER B 357 -5.68 9.90 -15.03
CA SER B 357 -5.75 11.33 -14.76
C SER B 357 -5.06 11.62 -13.44
N ARG B 358 -4.58 12.84 -13.29
CA ARG B 358 -3.89 13.22 -12.06
C ARG B 358 -4.79 13.24 -10.83
N ASP B 359 -4.13 13.37 -9.69
CA ASP B 359 -4.79 13.46 -8.39
C ASP B 359 -3.69 13.68 -7.35
N PHE B 360 -4.05 14.36 -6.27
CA PHE B 360 -3.14 14.70 -5.17
C PHE B 360 -2.47 13.51 -4.47
N TYR B 361 -3.16 12.37 -4.47
CA TYR B 361 -2.62 11.16 -3.89
C TYR B 361 -1.40 10.79 -4.74
N HIS B 362 -1.61 10.55 -6.04
CA HIS B 362 -0.47 10.19 -6.88
C HIS B 362 0.64 11.23 -6.91
N THR B 363 0.24 12.50 -6.91
CA THR B 363 1.23 13.58 -6.89
C THR B 363 2.12 13.43 -5.65
N CYS B 364 1.50 13.28 -4.48
CA CYS B 364 2.26 13.13 -3.25
C CYS B 364 3.22 11.96 -3.28
N PHE B 365 2.70 10.77 -3.62
CA PHE B 365 3.55 9.60 -3.61
C PHE B 365 4.56 9.44 -4.74
N CYS B 366 4.24 9.92 -5.94
CA CYS B 366 5.21 9.86 -7.04
C CYS B 366 6.46 10.65 -6.65
N LEU B 367 6.23 11.80 -6.03
CA LEU B 367 7.29 12.71 -5.59
C LEU B 367 8.03 12.10 -4.41
N SER B 368 7.30 11.49 -3.48
CA SER B 368 7.92 10.86 -2.32
C SER B 368 8.91 9.80 -2.81
N GLY B 369 8.50 9.03 -3.81
CA GLY B 369 9.39 8.01 -4.33
C GLY B 369 10.55 8.60 -5.09
N LEU B 370 10.28 9.64 -5.88
CA LEU B 370 11.35 10.27 -6.65
C LEU B 370 12.44 10.76 -5.71
N SER B 371 12.06 11.26 -4.54
CA SER B 371 13.02 11.77 -3.55
C SER B 371 13.86 10.66 -2.93
N ILE B 372 13.23 9.51 -2.66
CA ILE B 372 13.93 8.36 -2.09
C ILE B 372 14.87 7.85 -3.17
N ALA B 373 14.43 7.86 -4.43
CA ALA B 373 15.26 7.39 -5.54
C ALA B 373 16.51 8.27 -5.83
N GLN B 374 16.43 9.55 -5.49
CA GLN B 374 17.54 10.49 -5.72
C GLN B 374 18.51 10.57 -4.55
N HIS B 375 18.06 10.24 -3.34
CA HIS B 375 18.88 10.35 -2.14
C HIS B 375 19.22 9.09 -1.34
N PHE B 376 20.50 8.86 -1.11
CA PHE B 376 20.95 7.71 -0.31
C PHE B 376 21.69 8.27 0.88
N GLY B 377 21.42 7.69 2.05
CA GLY B 377 22.08 8.13 3.26
C GLY B 377 22.19 6.95 4.21
N SER B 378 23.34 6.81 4.86
CA SER B 378 23.59 5.72 5.81
C SER B 378 24.85 6.09 6.62
N GLY B 379 24.66 6.37 7.91
CA GLY B 379 25.79 6.75 8.73
C GLY B 379 26.26 8.15 8.31
N ALA B 380 27.55 8.30 8.05
CA ALA B 380 28.06 9.59 7.64
C ALA B 380 28.09 9.70 6.09
N MET B 381 27.60 8.63 5.44
CA MET B 381 27.60 8.55 3.97
C MET B 381 26.38 9.11 3.26
N LEU B 382 26.64 10.00 2.30
CA LEU B 382 25.56 10.59 1.50
C LEU B 382 25.92 10.49 0.01
N HIS B 383 25.01 9.94 -0.78
CA HIS B 383 25.28 9.82 -2.19
C HIS B 383 24.01 10.04 -2.99
N ASP B 384 23.98 11.18 -3.66
CA ASP B 384 22.85 11.57 -4.48
C ASP B 384 23.00 11.14 -5.92
N VAL B 385 21.84 10.89 -6.55
CA VAL B 385 21.74 10.50 -7.96
C VAL B 385 20.49 11.18 -8.49
N VAL B 386 20.68 12.41 -8.95
CA VAL B 386 19.58 13.20 -9.48
C VAL B 386 19.61 13.14 -11.01
N LEU B 387 18.76 12.31 -11.57
CA LEU B 387 18.70 12.17 -13.01
C LEU B 387 18.12 13.45 -13.63
N GLY B 388 18.58 13.80 -14.83
CA GLY B 388 18.09 14.99 -15.54
C GLY B 388 18.72 16.31 -15.13
N VAL B 389 17.98 17.42 -15.31
CA VAL B 389 18.50 18.74 -14.93
C VAL B 389 18.59 18.82 -13.40
N PRO B 390 19.70 19.42 -12.88
CA PRO B 390 19.95 19.58 -11.45
C PRO B 390 18.76 20.03 -10.63
N GLU B 391 17.94 20.91 -11.21
CA GLU B 391 16.75 21.43 -10.54
C GLU B 391 15.78 20.34 -10.09
N ASN B 392 15.85 19.16 -10.73
CA ASN B 392 14.94 18.05 -10.41
C ASN B 392 15.05 17.61 -8.95
N ALA B 393 16.18 17.92 -8.34
CA ALA B 393 16.43 17.49 -6.99
C ALA B 393 15.28 17.87 -6.09
N LEU B 394 14.80 16.90 -5.31
CA LEU B 394 13.72 17.15 -4.38
C LEU B 394 14.30 17.14 -2.98
N GLN B 395 13.52 17.65 -2.03
CA GLN B 395 13.93 17.66 -0.64
C GLN B 395 13.86 16.21 -0.12
N PRO B 396 14.77 15.83 0.77
CA PRO B 396 14.74 14.46 1.31
C PRO B 396 13.48 14.18 2.12
N THR B 397 13.16 12.91 2.26
CA THR B 397 11.97 12.53 3.02
C THR B 397 12.33 11.41 3.99
N HIS B 398 11.75 11.44 5.18
CA HIS B 398 12.00 10.42 6.17
C HIS B 398 11.27 9.14 5.74
N PRO B 399 12.01 8.03 5.54
CA PRO B 399 11.40 6.76 5.11
C PRO B 399 10.36 6.19 6.06
N VAL B 400 10.42 6.51 7.35
CA VAL B 400 9.41 5.96 8.25
C VAL B 400 8.13 6.79 8.24
N TYR B 401 8.28 8.11 8.40
CA TYR B 401 7.13 9.02 8.46
C TYR B 401 6.74 9.70 7.16
N ASN B 402 7.67 9.72 6.20
CA ASN B 402 7.48 10.35 4.88
C ASN B 402 7.07 11.79 5.03
N ILE B 403 7.93 12.52 5.73
CA ILE B 403 7.82 13.98 5.93
C ILE B 403 9.30 14.39 6.05
N GLY B 404 9.61 15.67 5.88
CA GLY B 404 11.00 16.10 5.98
C GLY B 404 11.73 15.50 7.17
N PRO B 405 12.98 15.02 6.99
CA PRO B 405 13.75 14.43 8.10
C PRO B 405 13.91 15.47 9.19
N ASP B 406 14.10 16.70 8.74
CA ASP B 406 14.27 17.85 9.63
C ASP B 406 13.01 18.02 10.45
N LYS B 407 11.85 17.89 9.80
CA LYS B 407 10.54 18.02 10.46
C LYS B 407 10.34 16.96 11.55
N VAL B 408 10.79 15.73 11.26
CA VAL B 408 10.70 14.60 12.20
C VAL B 408 11.50 14.88 13.46
N ILE B 409 12.75 15.31 13.26
CA ILE B 409 13.64 15.63 14.37
C ILE B 409 13.07 16.77 15.23
N GLN B 410 12.62 17.84 14.58
CA GLN B 410 12.06 18.99 15.28
C GLN B 410 10.87 18.60 16.17
N ALA B 411 9.90 17.90 15.59
CA ALA B 411 8.69 17.43 16.28
C ALA B 411 9.00 16.49 17.45
N THR B 412 9.73 15.42 17.18
CA THR B 412 10.07 14.48 18.24
C THR B 412 10.80 15.20 19.39
N THR B 413 11.69 16.14 19.06
CA THR B 413 12.44 16.90 20.08
C THR B 413 11.45 17.69 20.93
N TYR B 414 10.57 18.39 20.24
CA TYR B 414 9.55 19.19 20.90
C TYR B 414 8.76 18.36 21.91
N PHE B 415 8.04 17.36 21.39
CA PHE B 415 7.18 16.47 22.20
C PHE B 415 7.88 15.63 23.24
N LEU B 416 9.16 15.33 23.03
CA LEU B 416 9.91 14.57 24.01
C LEU B 416 9.95 15.39 25.29
N GLN B 417 9.81 16.70 25.13
CA GLN B 417 9.82 17.64 26.25
C GLN B 417 8.54 17.60 27.09
N LYS B 418 7.53 16.90 26.60
CA LYS B 418 6.29 16.82 27.33
C LYS B 418 6.23 15.42 27.87
N PRO B 419 5.54 15.23 28.99
CA PRO B 419 5.42 13.88 29.59
C PRO B 419 4.44 12.98 28.86
N VAL B 420 4.56 11.69 29.00
CA VAL B 420 3.60 10.79 28.37
C VAL B 420 2.33 11.01 29.20
N PRO B 421 1.19 11.35 28.54
CA PRO B 421 -0.08 11.61 29.23
C PRO B 421 -0.47 10.68 30.38
N GLY B 422 -0.40 11.25 31.58
CA GLY B 422 -0.77 10.51 32.77
C GLY B 422 0.03 9.24 33.04
N PHE B 423 1.21 9.23 32.59
CA PHE B 423 2.05 8.04 32.79
C PHE B 423 3.51 8.39 33.15
N GLU B 424 4.14 7.50 33.92
CA GLU B 424 5.55 7.65 34.33
C GLU B 424 6.31 6.32 34.25
N CYS C 8 -7.66 3.46 -6.41
CA CYS C 8 -6.59 3.42 -5.35
C CYS C 8 -7.07 4.08 -4.05
N VAL C 9 -7.94 3.46 -3.25
CA VAL C 9 -8.34 4.12 -1.99
C VAL C 9 -7.55 3.63 -0.79
N LEU C 10 -7.05 4.56 0.02
CA LEU C 10 -6.26 4.18 1.17
C LEU C 10 -7.12 3.89 2.38
N SER C 11 -8.30 4.50 2.42
CA SER C 11 -9.22 4.35 3.55
C SER C 11 -10.69 4.48 3.18
#